data_3CGD
#
_entry.id   3CGD
#
_cell.length_a   169.612
_cell.length_b   81.171
_cell.length_c   98.052
_cell.angle_alpha   90.00
_cell.angle_beta   104.01
_cell.angle_gamma   90.00
#
_symmetry.space_group_name_H-M   'C 1 2 1'
#
loop_
_entity.id
_entity.type
_entity.pdbx_description
1 polymer 'Pyridine nucleotide-disulfide oxidoreductase, class I'
2 non-polymer 'COENZYME A'
3 non-polymer 'FLAVIN-ADENINE DINUCLEOTIDE'
4 non-polymer NICOTINAMIDE-ADENINE-DINUCLEOTIDE
5 water water
#
_entity_poly.entity_id   1
_entity_poly.type   'polypeptide(L)'
_entity_poly.pdbx_seq_one_letter_code
;MGGSHHHHHHGMASMTGGQQMGRTLYDDDDKDRWGSMNYVIIGGDAAGMSAAMQIVRNDENANVVTLEKGEIYSYAQCGL
PYVISGAIASTEKLIARNVKTFRDKYGIDAKVRHEVTKVDTEKKIVYAEHTKTKDVFEFSYDRLLIATGVRPVMPEWEGR
DLQGVHLLKTIPDAERILKTLETNKVEDVTIIGGGAIGLEMAETFVELGKKVRMIERNDHIGTIYDGDMAEYIYKEADKH
HIEILTNENVKAFKGNERVEAVETDKGTYKADLVLVSVGVKPNTDFLEGTNIRTNHKGAIEVNAYMQTNVQDVYAAGDCA
THYHVIKEIHDHIPIGTTANKQGRLAGLNMLDKRRAFKGTLGTGIIKFMNLTLARTGLNEKEAKGLHIPYKTVKVDSTNM
AGYYPNAKPLYLKLLYRSDTKQLLGGQVIGEEGVDKRIDVIAMALFNKMSIHDLEDVDLSYAPPYNSVWDPIQQAARRAE
;
_entity_poly.pdbx_strand_id   A,B
#
# COMPACT_ATOMS: atom_id res chain seq x y z
N MET A 37 -6.86 -37.09 17.93
CA MET A 37 -5.68 -37.87 17.45
C MET A 37 -5.73 -38.21 15.95
N ASN A 38 -6.82 -38.81 15.48
CA ASN A 38 -6.95 -39.09 14.04
C ASN A 38 -7.56 -37.95 13.24
N TYR A 39 -6.69 -37.23 12.52
CA TYR A 39 -7.12 -36.15 11.65
C TYR A 39 -6.98 -36.58 10.20
N VAL A 40 -8.05 -36.40 9.42
CA VAL A 40 -8.02 -36.68 7.99
C VAL A 40 -8.32 -35.38 7.20
N ILE A 41 -7.47 -35.11 6.21
CA ILE A 41 -7.63 -33.93 5.38
C ILE A 41 -7.72 -34.33 3.93
N ILE A 42 -8.74 -33.82 3.25
CA ILE A 42 -8.95 -34.13 1.85
C ILE A 42 -8.55 -32.93 1.01
N GLY A 43 -7.49 -33.09 0.23
CA GLY A 43 -6.91 -32.01 -0.56
C GLY A 43 -5.54 -31.64 -0.02
N GLY A 44 -4.52 -31.76 -0.86
CA GLY A 44 -3.15 -31.51 -0.42
C GLY A 44 -2.55 -30.20 -0.88
N ASP A 45 -3.32 -29.12 -0.84
CA ASP A 45 -2.80 -27.83 -1.27
C ASP A 45 -2.93 -26.74 -0.22
N ALA A 46 -3.32 -25.54 -0.62
CA ALA A 46 -3.26 -24.38 0.25
C ALA A 46 -4.11 -24.52 1.51
N ALA A 47 -5.40 -24.78 1.36
CA ALA A 47 -6.25 -24.89 2.55
C ALA A 47 -5.92 -26.12 3.38
N GLY A 48 -5.84 -27.27 2.72
CA GLY A 48 -5.54 -28.54 3.39
C GLY A 48 -4.23 -28.61 4.17
N MET A 49 -3.14 -28.18 3.54
CA MET A 49 -1.83 -28.25 4.16
C MET A 49 -1.57 -27.12 5.17
N SER A 50 -2.26 -25.99 5.02
CA SER A 50 -2.18 -24.95 6.07
C SER A 50 -2.78 -25.49 7.37
N ALA A 51 -3.86 -26.25 7.24
CA ALA A 51 -4.48 -26.95 8.37
C ALA A 51 -3.56 -28.01 8.97
N ALA A 52 -2.96 -28.83 8.10
CA ALA A 52 -2.01 -29.89 8.49
C ALA A 52 -0.86 -29.36 9.35
N MET A 53 -0.27 -28.24 8.92
CA MET A 53 0.83 -27.62 9.62
C MET A 53 0.45 -27.15 11.03
N GLN A 54 -0.75 -26.61 11.18
CA GLN A 54 -1.25 -26.17 12.49
C GLN A 54 -1.41 -27.35 13.45
N ILE A 55 -2.00 -28.43 12.96
CA ILE A 55 -2.25 -29.61 13.77
C ILE A 55 -0.91 -30.23 14.21
N VAL A 56 -0.03 -30.42 13.25
CA VAL A 56 1.30 -30.98 13.46
C VAL A 56 2.12 -30.18 14.47
N ARG A 57 2.11 -28.86 14.35
CA ARG A 57 2.84 -28.00 15.26
C ARG A 57 2.25 -27.95 16.66
N ASN A 58 0.93 -28.06 16.77
CA ASN A 58 0.24 -27.81 18.04
C ASN A 58 -0.36 -29.05 18.69
N ASP A 59 0.07 -30.22 18.21
CA ASP A 59 -0.32 -31.52 18.77
C ASP A 59 0.68 -32.59 18.30
N GLU A 60 1.63 -32.92 19.17
CA GLU A 60 2.69 -33.87 18.84
C GLU A 60 2.21 -35.30 18.75
N ASN A 61 1.06 -35.57 19.36
CA ASN A 61 0.49 -36.94 19.40
C ASN A 61 -0.33 -37.28 18.16
N ALA A 62 -0.71 -36.26 17.41
CA ALA A 62 -1.66 -36.35 16.31
C ALA A 62 -1.24 -37.26 15.16
N ASN A 63 -2.20 -38.02 14.65
CA ASN A 63 -2.03 -38.79 13.42
C ASN A 63 -2.74 -38.07 12.28
N VAL A 64 -1.96 -37.41 11.43
CA VAL A 64 -2.49 -36.70 10.29
C VAL A 64 -2.40 -37.53 9.02
N VAL A 65 -3.55 -37.80 8.43
CA VAL A 65 -3.60 -38.38 7.10
C VAL A 65 -4.12 -37.31 6.15
N THR A 66 -3.37 -37.04 5.08
CA THR A 66 -3.83 -36.14 4.03
C THR A 66 -4.00 -36.91 2.73
N LEU A 67 -5.10 -36.65 2.04
CA LEU A 67 -5.51 -37.42 0.87
C LEU A 67 -5.58 -36.54 -0.37
N GLU A 68 -4.66 -36.76 -1.28
CA GLU A 68 -4.55 -35.93 -2.46
C GLU A 68 -4.73 -36.80 -3.69
N LYS A 69 -5.61 -36.34 -4.57
CA LYS A 69 -5.99 -37.04 -5.78
C LYS A 69 -4.86 -37.02 -6.81
N GLY A 70 -4.16 -35.89 -6.91
CA GLY A 70 -3.03 -35.77 -7.84
C GLY A 70 -1.73 -36.29 -7.27
N GLU A 71 -0.61 -35.81 -7.82
CA GLU A 71 0.71 -36.24 -7.38
C GLU A 71 1.52 -35.10 -6.77
N ILE A 72 0.97 -33.89 -6.76
CA ILE A 72 1.71 -32.71 -6.33
C ILE A 72 1.03 -32.01 -5.15
N TYR A 73 1.77 -31.92 -4.04
CA TYR A 73 1.35 -31.16 -2.86
C TYR A 73 1.78 -29.69 -2.93
N SER A 74 1.15 -28.85 -2.10
CA SER A 74 1.57 -27.47 -1.87
C SER A 74 2.31 -26.80 -3.03
N TYR A 75 1.56 -26.32 -4.01
CA TYR A 75 2.15 -25.67 -5.18
C TYR A 75 1.43 -24.35 -5.46
N ALA A 76 2.04 -23.51 -6.28
CA ALA A 76 1.52 -22.16 -6.53
C ALA A 76 0.74 -22.07 -7.85
N GLN A 77 -0.58 -22.24 -7.79
CA GLN A 77 -1.43 -22.13 -8.98
C GLN A 77 -1.26 -20.75 -9.62
N CYS A 78 -0.97 -19.76 -8.78
CA CYS A 78 -0.79 -18.38 -9.18
C CYS A 78 0.37 -18.14 -10.14
N GLY A 79 1.38 -19.01 -10.08
CA GLY A 79 2.55 -18.87 -10.95
C GLY A 79 2.47 -19.57 -12.29
N LEU A 80 1.38 -20.32 -12.51
CA LEU A 80 1.16 -21.06 -13.76
C LEU A 80 1.19 -20.19 -15.03
N PRO A 81 0.47 -19.05 -15.05
CA PRO A 81 0.50 -18.22 -16.26
C PRO A 81 1.91 -17.72 -16.59
N TYR A 82 2.74 -17.57 -15.55
CA TYR A 82 4.09 -17.05 -15.69
C TYR A 82 5.13 -18.15 -15.94
N VAL A 83 4.73 -19.40 -15.77
CA VAL A 83 5.55 -20.52 -16.24
C VAL A 83 5.31 -20.69 -17.73
N ILE A 84 4.05 -20.61 -18.15
CA ILE A 84 3.70 -20.79 -19.56
C ILE A 84 4.32 -19.69 -20.44
N SER A 85 4.46 -18.49 -19.91
CA SER A 85 5.09 -17.37 -20.63
C SER A 85 6.60 -17.53 -20.74
N GLY A 86 7.18 -18.37 -19.90
CA GLY A 86 8.64 -18.56 -19.88
C GLY A 86 9.34 -17.65 -18.88
N ALA A 87 8.55 -16.83 -18.16
CA ALA A 87 9.12 -15.88 -17.19
C ALA A 87 9.70 -16.61 -15.97
N ILE A 88 9.10 -17.75 -15.65
CA ILE A 88 9.60 -18.66 -14.63
C ILE A 88 10.11 -19.91 -15.35
N ALA A 89 11.27 -20.39 -14.92
CA ALA A 89 11.99 -21.47 -15.61
C ALA A 89 11.13 -22.73 -15.83
N SER A 90 10.49 -23.21 -14.77
CA SER A 90 9.71 -24.43 -14.80
C SER A 90 8.67 -24.46 -13.69
N THR A 91 7.77 -25.44 -13.76
CA THR A 91 6.72 -25.65 -12.76
C THR A 91 7.28 -26.13 -11.42
N GLU A 92 8.49 -26.72 -11.45
CA GLU A 92 9.22 -27.14 -10.25
C GLU A 92 9.36 -25.99 -9.26
N LYS A 93 9.54 -24.78 -9.80
CA LYS A 93 9.73 -23.57 -9.01
C LYS A 93 8.48 -23.18 -8.26
N LEU A 94 7.36 -23.84 -8.57
CA LEU A 94 6.07 -23.51 -7.96
C LEU A 94 5.73 -24.35 -6.74
N ILE A 95 6.50 -25.41 -6.49
CA ILE A 95 6.34 -26.25 -5.31
C ILE A 95 6.84 -25.53 -4.06
N ALA A 96 5.95 -25.34 -3.08
CA ALA A 96 6.28 -24.65 -1.84
C ALA A 96 6.82 -25.61 -0.78
N ARG A 97 6.28 -26.83 -0.76
CA ARG A 97 6.72 -27.86 0.17
C ARG A 97 6.52 -29.25 -0.43
N ASN A 98 7.54 -30.08 -0.31
CA ASN A 98 7.53 -31.46 -0.80
C ASN A 98 6.71 -32.40 0.05
N VAL A 99 6.14 -33.40 -0.60
CA VAL A 99 5.47 -34.50 0.10
C VAL A 99 6.48 -35.24 0.99
N LYS A 100 7.73 -35.32 0.52
CA LYS A 100 8.84 -35.89 1.27
C LYS A 100 9.13 -35.04 2.52
N THR A 101 9.07 -33.73 2.36
CA THR A 101 9.17 -32.83 3.51
C THR A 101 8.01 -33.09 4.50
N PHE A 102 6.79 -33.13 3.97
CA PHE A 102 5.60 -33.39 4.79
C PHE A 102 5.70 -34.68 5.59
N ARG A 103 6.13 -35.76 4.91
CA ARG A 103 6.30 -37.06 5.55
C ARG A 103 7.48 -37.15 6.52
N ASP A 104 8.68 -36.80 6.06
CA ASP A 104 9.89 -36.99 6.86
C ASP A 104 10.05 -35.98 8.01
N LYS A 105 9.86 -34.69 7.71
CA LYS A 105 10.09 -33.66 8.71
C LYS A 105 8.91 -33.45 9.66
N TYR A 106 7.70 -33.55 9.12
CA TYR A 106 6.50 -33.23 9.89
C TYR A 106 5.67 -34.46 10.30
N GLY A 107 6.07 -35.64 9.79
CA GLY A 107 5.43 -36.91 10.15
C GLY A 107 3.98 -37.03 9.74
N ILE A 108 3.59 -36.27 8.71
CA ILE A 108 2.25 -36.37 8.12
C ILE A 108 2.20 -37.59 7.20
N ASP A 109 1.12 -38.35 7.27
CA ASP A 109 0.89 -39.46 6.34
C ASP A 109 0.26 -38.93 5.05
N ALA A 110 1.08 -38.29 4.23
CA ALA A 110 0.63 -37.64 3.00
C ALA A 110 0.49 -38.61 1.82
N LYS A 111 -0.76 -38.81 1.38
CA LYS A 111 -1.05 -39.77 0.31
C LYS A 111 -1.26 -39.06 -1.00
N VAL A 112 -0.67 -39.60 -2.07
CA VAL A 112 -0.86 -39.09 -3.43
C VAL A 112 -1.72 -40.10 -4.21
N ARG A 113 -2.33 -39.63 -5.31
CA ARG A 113 -3.19 -40.49 -6.14
C ARG A 113 -4.35 -41.14 -5.36
N HIS A 114 -4.74 -40.52 -4.25
CA HIS A 114 -5.87 -40.98 -3.44
C HIS A 114 -7.05 -40.05 -3.62
N GLU A 115 -7.98 -40.48 -4.46
CA GLU A 115 -9.18 -39.71 -4.70
C GLU A 115 -10.31 -40.22 -3.79
N VAL A 116 -10.82 -39.33 -2.95
CA VAL A 116 -11.95 -39.63 -2.09
C VAL A 116 -13.23 -39.64 -2.91
N THR A 117 -13.99 -40.70 -2.75
CA THR A 117 -15.18 -40.96 -3.54
C THR A 117 -16.43 -40.88 -2.67
N LYS A 118 -16.25 -41.07 -1.36
CA LYS A 118 -17.34 -40.90 -0.42
C LYS A 118 -16.91 -40.79 1.03
N VAL A 119 -17.77 -40.20 1.85
CA VAL A 119 -17.52 -40.10 3.28
C VAL A 119 -18.75 -40.63 4.00
N ASP A 120 -18.53 -41.47 5.01
CA ASP A 120 -19.58 -41.91 5.90
C ASP A 120 -19.41 -41.16 7.20
N THR A 121 -20.23 -40.13 7.40
CA THR A 121 -20.11 -39.23 8.56
C THR A 121 -20.61 -39.86 9.86
N GLU A 122 -21.44 -40.90 9.76
CA GLU A 122 -21.91 -41.62 10.95
C GLU A 122 -20.83 -42.58 11.48
N LYS A 123 -20.24 -43.36 10.57
CA LYS A 123 -19.14 -44.27 10.91
C LYS A 123 -17.80 -43.54 11.06
N LYS A 124 -17.73 -42.30 10.57
CA LYS A 124 -16.50 -41.52 10.58
C LYS A 124 -15.38 -42.21 9.79
N ILE A 125 -15.71 -42.53 8.54
CA ILE A 125 -14.81 -43.22 7.63
C ILE A 125 -14.81 -42.50 6.30
N VAL A 126 -13.60 -42.30 5.77
CA VAL A 126 -13.38 -41.70 4.46
C VAL A 126 -12.98 -42.80 3.48
N TYR A 127 -13.56 -42.78 2.28
CA TYR A 127 -13.28 -43.82 1.27
C TYR A 127 -12.52 -43.23 0.09
N ALA A 128 -11.31 -43.74 -0.12
CA ALA A 128 -10.45 -43.25 -1.19
C ALA A 128 -10.10 -44.36 -2.18
N GLU A 129 -10.16 -43.99 -3.45
CA GLU A 129 -9.85 -44.87 -4.55
C GLU A 129 -8.50 -44.45 -5.12
N HIS A 130 -7.58 -45.40 -5.25
CA HIS A 130 -6.32 -45.13 -5.93
C HIS A 130 -6.59 -44.88 -7.41
N THR A 131 -6.18 -43.70 -7.89
CA THR A 131 -6.51 -43.25 -9.26
C THR A 131 -5.96 -44.15 -10.37
N LYS A 132 -4.95 -44.96 -10.06
CA LYS A 132 -4.33 -45.83 -11.05
C LYS A 132 -4.77 -47.28 -10.89
N THR A 133 -4.54 -47.85 -9.71
CA THR A 133 -4.89 -49.25 -9.45
C THR A 133 -6.39 -49.45 -9.24
N LYS A 134 -7.08 -48.35 -8.90
CA LYS A 134 -8.52 -48.36 -8.61
C LYS A 134 -8.89 -49.06 -7.29
N ASP A 135 -7.87 -49.46 -6.53
CA ASP A 135 -8.04 -50.07 -5.20
C ASP A 135 -8.64 -49.08 -4.24
N VAL A 136 -9.46 -49.57 -3.31
CA VAL A 136 -10.19 -48.72 -2.37
C VAL A 136 -9.62 -48.84 -0.96
N PHE A 137 -9.38 -47.69 -0.34
CA PHE A 137 -8.82 -47.61 1.00
C PHE A 137 -9.71 -46.83 1.96
N GLU A 138 -9.81 -47.33 3.19
CA GLU A 138 -10.62 -46.72 4.22
C GLU A 138 -9.73 -46.01 5.21
N PHE A 139 -10.23 -44.86 5.69
CA PHE A 139 -9.52 -44.04 6.66
C PHE A 139 -10.54 -43.56 7.67
N SER A 140 -10.38 -43.95 8.93
CA SER A 140 -11.27 -43.47 9.96
C SER A 140 -10.71 -42.19 10.57
N TYR A 141 -11.60 -41.29 10.94
CA TYR A 141 -11.20 -40.00 11.50
C TYR A 141 -11.92 -39.74 12.81
N ASP A 142 -11.28 -38.96 13.66
CA ASP A 142 -11.98 -38.29 14.75
C ASP A 142 -12.47 -36.94 14.25
N ARG A 143 -11.61 -36.24 13.50
CA ARG A 143 -12.00 -35.01 12.81
C ARG A 143 -11.56 -34.94 11.35
N LEU A 144 -12.47 -34.45 10.52
CA LEU A 144 -12.30 -34.40 9.07
C LEU A 144 -12.32 -32.97 8.56
N LEU A 145 -11.40 -32.67 7.64
CA LEU A 145 -11.44 -31.40 6.92
C LEU A 145 -11.57 -31.66 5.43
N ILE A 146 -12.50 -30.96 4.79
CA ILE A 146 -12.62 -31.00 3.36
C ILE A 146 -12.00 -29.74 2.77
N ALA A 147 -11.00 -29.93 1.91
CA ALA A 147 -10.23 -28.83 1.32
C ALA A 147 -9.92 -29.17 -0.15
N THR A 148 -10.97 -29.60 -0.86
CA THR A 148 -10.87 -30.10 -2.23
C THR A 148 -10.87 -29.00 -3.28
N GLY A 149 -11.00 -27.76 -2.85
CA GLY A 149 -10.94 -26.60 -3.75
C GLY A 149 -12.03 -26.61 -4.80
N VAL A 150 -11.74 -25.94 -5.92
CA VAL A 150 -12.63 -25.85 -7.10
C VAL A 150 -11.93 -26.46 -8.34
N ARG A 151 -12.72 -26.77 -9.37
CA ARG A 151 -12.20 -27.22 -10.66
C ARG A 151 -12.74 -26.31 -11.77
N PRO A 152 -11.95 -26.10 -12.84
CA PRO A 152 -12.43 -25.34 -13.98
C PRO A 152 -13.61 -26.02 -14.68
N VAL A 153 -14.55 -25.21 -15.16
CA VAL A 153 -15.74 -25.69 -15.85
C VAL A 153 -15.49 -25.84 -17.34
N MET A 154 -15.77 -27.02 -17.87
CA MET A 154 -15.82 -27.22 -19.31
C MET A 154 -17.26 -27.50 -19.72
N PRO A 155 -17.94 -26.47 -20.27
CA PRO A 155 -19.29 -26.64 -20.84
C PRO A 155 -19.35 -27.77 -21.88
N GLU A 156 -20.54 -28.30 -22.11
CA GLU A 156 -20.72 -29.45 -23.00
C GLU A 156 -20.74 -29.13 -24.49
N TRP A 157 -19.80 -28.29 -24.93
CA TRP A 157 -19.67 -27.97 -26.35
C TRP A 157 -19.09 -29.15 -27.11
N GLU A 158 -19.57 -29.32 -28.34
CA GLU A 158 -18.90 -30.17 -29.32
C GLU A 158 -17.44 -29.74 -29.47
N GLY A 159 -16.53 -30.70 -29.51
CA GLY A 159 -15.10 -30.42 -29.68
C GLY A 159 -14.30 -30.23 -28.40
N ARG A 160 -15.00 -30.18 -27.26
CA ARG A 160 -14.39 -30.14 -25.92
C ARG A 160 -13.07 -30.89 -25.81
N ASP A 161 -13.02 -32.08 -26.42
CA ASP A 161 -11.94 -33.05 -26.22
C ASP A 161 -10.87 -32.98 -27.31
N LEU A 162 -10.98 -32.03 -28.23
CA LEU A 162 -9.97 -31.85 -29.28
C LEU A 162 -8.62 -31.48 -28.67
N GLN A 163 -7.54 -32.05 -29.22
CA GLN A 163 -6.18 -31.71 -28.76
C GLN A 163 -5.91 -30.24 -29.00
N GLY A 164 -5.38 -29.58 -27.97
CA GLY A 164 -5.12 -28.13 -28.04
C GLY A 164 -6.20 -27.30 -27.38
N VAL A 165 -7.24 -27.96 -26.89
CA VAL A 165 -8.27 -27.31 -26.07
C VAL A 165 -7.97 -27.59 -24.60
N HIS A 166 -7.75 -26.53 -23.83
CA HIS A 166 -7.16 -26.66 -22.51
C HIS A 166 -7.90 -25.89 -21.43
N LEU A 167 -7.94 -26.47 -20.24
CA LEU A 167 -8.30 -25.76 -19.02
C LEU A 167 -6.99 -25.48 -18.29
N LEU A 168 -6.99 -24.50 -17.39
CA LEU A 168 -5.82 -24.24 -16.57
C LEU A 168 -6.19 -24.27 -15.10
N LYS A 169 -5.71 -25.31 -14.40
CA LYS A 169 -5.85 -25.36 -12.96
C LYS A 169 -4.59 -25.85 -12.27
N THR A 170 -3.99 -26.91 -12.82
CA THR A 170 -2.95 -27.69 -12.15
C THR A 170 -1.62 -27.55 -12.88
N ILE A 171 -0.55 -28.05 -12.28
CA ILE A 171 0.75 -28.08 -12.95
C ILE A 171 0.71 -28.97 -14.21
N PRO A 172 0.14 -30.21 -14.11
CA PRO A 172 -0.02 -30.96 -15.37
C PRO A 172 -0.80 -30.21 -16.46
N ASP A 173 -1.83 -29.45 -16.07
CA ASP A 173 -2.56 -28.58 -17.02
C ASP A 173 -1.60 -27.62 -17.73
N ALA A 174 -0.78 -26.92 -16.94
CA ALA A 174 0.23 -26.03 -17.48
C ALA A 174 1.15 -26.77 -18.45
N GLU A 175 1.61 -27.96 -18.06
CA GLU A 175 2.52 -28.76 -18.90
C GLU A 175 1.88 -29.15 -20.23
N ARG A 176 0.58 -29.49 -20.20
CA ARG A 176 -0.16 -29.78 -21.43
C ARG A 176 -0.25 -28.58 -22.37
N ILE A 177 -0.39 -27.38 -21.81
CA ILE A 177 -0.40 -26.16 -22.61
C ILE A 177 0.96 -25.93 -23.27
N LEU A 178 2.02 -26.18 -22.52
CA LEU A 178 3.38 -26.09 -23.05
C LEU A 178 3.68 -27.19 -24.07
N LYS A 179 3.09 -28.37 -23.86
CA LYS A 179 3.25 -29.48 -24.78
C LYS A 179 2.65 -29.13 -26.14
N THR A 180 1.48 -28.49 -26.14
CA THR A 180 0.85 -28.01 -27.37
C THR A 180 1.73 -26.96 -28.06
N LEU A 181 2.28 -26.02 -27.29
CA LEU A 181 3.11 -24.95 -27.85
C LEU A 181 4.42 -25.48 -28.42
N GLU A 182 4.96 -26.53 -27.81
CA GLU A 182 6.21 -27.14 -28.25
C GLU A 182 6.06 -27.97 -29.52
N THR A 183 4.97 -28.73 -29.61
CA THR A 183 4.80 -29.71 -30.69
C THR A 183 3.92 -29.23 -31.83
N ASN A 184 3.10 -28.21 -31.56
CA ASN A 184 2.18 -27.68 -32.56
C ASN A 184 2.61 -26.28 -33.00
N LYS A 185 2.43 -25.97 -34.28
CA LYS A 185 2.68 -24.62 -34.78
C LYS A 185 1.50 -23.71 -34.40
N VAL A 186 1.66 -22.99 -33.28
CA VAL A 186 0.58 -22.18 -32.73
C VAL A 186 0.74 -20.71 -33.15
N GLU A 187 -0.25 -20.19 -33.87
CA GLU A 187 -0.25 -18.81 -34.35
C GLU A 187 -1.43 -18.00 -33.78
N ASP A 188 -2.62 -18.56 -33.92
CA ASP A 188 -3.86 -17.95 -33.44
C ASP A 188 -4.33 -18.63 -32.16
N VAL A 189 -4.49 -17.84 -31.11
CA VAL A 189 -4.99 -18.35 -29.83
C VAL A 189 -6.32 -17.68 -29.46
N THR A 190 -7.28 -18.49 -29.05
CA THR A 190 -8.59 -18.01 -28.66
C THR A 190 -8.88 -18.38 -27.21
N ILE A 191 -9.27 -17.38 -26.43
CA ILE A 191 -9.57 -17.54 -25.02
C ILE A 191 -11.06 -17.32 -24.80
N ILE A 192 -11.69 -18.30 -24.15
CA ILE A 192 -13.11 -18.23 -23.82
C ILE A 192 -13.29 -17.81 -22.36
N GLY A 193 -13.86 -16.62 -22.13
CA GLY A 193 -14.10 -16.11 -20.79
C GLY A 193 -13.09 -15.04 -20.45
N GLY A 194 -13.58 -13.84 -20.17
CA GLY A 194 -12.72 -12.67 -19.94
C GLY A 194 -12.67 -12.28 -18.48
N GLY A 195 -12.46 -13.29 -17.63
CA GLY A 195 -12.28 -13.08 -16.19
C GLY A 195 -10.81 -13.20 -15.85
N ALA A 196 -10.52 -13.71 -14.65
CA ALA A 196 -9.16 -13.64 -14.10
C ALA A 196 -8.11 -14.45 -14.85
N ILE A 197 -8.45 -15.69 -15.20
CA ILE A 197 -7.52 -16.55 -15.95
C ILE A 197 -7.41 -16.10 -17.40
N GLY A 198 -8.55 -15.80 -18.03
CA GLY A 198 -8.57 -15.26 -19.39
C GLY A 198 -7.70 -14.03 -19.55
N LEU A 199 -7.77 -13.14 -18.58
CA LEU A 199 -7.01 -11.91 -18.57
C LEU A 199 -5.50 -12.15 -18.49
N GLU A 200 -5.06 -12.93 -17.50
CA GLU A 200 -3.64 -13.19 -17.30
C GLU A 200 -3.06 -13.99 -18.48
N MET A 201 -3.80 -14.99 -18.95
CA MET A 201 -3.33 -15.78 -20.07
C MET A 201 -3.33 -15.03 -21.39
N ALA A 202 -4.25 -14.08 -21.55
CA ALA A 202 -4.24 -13.21 -22.74
C ALA A 202 -2.90 -12.49 -22.83
N GLU A 203 -2.38 -12.08 -21.67
CA GLU A 203 -1.03 -11.49 -21.58
C GLU A 203 0.05 -12.53 -21.92
N THR A 204 -0.05 -13.69 -21.30
CA THR A 204 0.92 -14.77 -21.51
C THR A 204 1.05 -15.14 -22.99
N PHE A 205 -0.07 -15.29 -23.68
CA PHE A 205 -0.04 -15.64 -25.11
C PHE A 205 0.47 -14.49 -25.99
N VAL A 206 0.13 -13.24 -25.64
CA VAL A 206 0.68 -12.08 -26.34
C VAL A 206 2.21 -12.09 -26.21
N GLU A 207 2.69 -12.23 -24.97
CA GLU A 207 4.14 -12.29 -24.70
C GLU A 207 4.86 -13.41 -25.46
N LEU A 208 4.19 -14.56 -25.63
CA LEU A 208 4.71 -15.66 -26.45
C LEU A 208 4.57 -15.36 -27.95
N GLY A 209 4.12 -14.15 -28.26
CA GLY A 209 4.03 -13.66 -29.62
C GLY A 209 2.86 -14.16 -30.45
N LYS A 210 1.76 -14.55 -29.79
CA LYS A 210 0.61 -15.12 -30.50
C LYS A 210 -0.44 -14.05 -30.82
N LYS A 211 -1.26 -14.34 -31.84
CA LYS A 211 -2.45 -13.57 -32.14
C LYS A 211 -3.56 -14.06 -31.22
N VAL A 212 -4.02 -13.20 -30.32
CA VAL A 212 -4.95 -13.57 -29.25
C VAL A 212 -6.34 -12.97 -29.46
N ARG A 213 -7.36 -13.82 -29.30
CA ARG A 213 -8.75 -13.41 -29.33
C ARG A 213 -9.42 -13.81 -28.01
N MET A 214 -10.32 -12.96 -27.52
CA MET A 214 -11.10 -13.27 -26.33
C MET A 214 -12.59 -13.17 -26.59
N ILE A 215 -13.32 -14.20 -26.16
CA ILE A 215 -14.77 -14.27 -26.35
C ILE A 215 -15.52 -14.37 -25.01
N GLU A 216 -16.35 -13.38 -24.76
CA GLU A 216 -17.03 -13.20 -23.48
C GLU A 216 -18.55 -13.18 -23.64
N ARG A 217 -19.22 -13.92 -22.77
CA ARG A 217 -20.67 -14.11 -22.79
C ARG A 217 -21.48 -12.85 -22.48
N ASN A 218 -21.05 -12.06 -21.50
CA ASN A 218 -21.81 -10.86 -21.14
C ASN A 218 -21.24 -9.60 -21.81
N ASP A 219 -21.64 -8.42 -21.34
CA ASP A 219 -21.38 -7.16 -22.06
C ASP A 219 -19.93 -6.70 -22.09
N HIS A 220 -19.17 -6.99 -21.04
CA HIS A 220 -17.75 -6.55 -20.99
C HIS A 220 -16.86 -7.53 -20.24
N ILE A 221 -15.57 -7.52 -20.59
CA ILE A 221 -14.57 -8.30 -19.85
C ILE A 221 -14.24 -7.60 -18.52
N GLY A 222 -13.78 -8.38 -17.53
CA GLY A 222 -13.59 -7.87 -16.18
C GLY A 222 -14.94 -7.51 -15.60
N THR A 223 -15.82 -8.51 -15.57
CA THR A 223 -17.23 -8.33 -15.21
C THR A 223 -17.42 -7.85 -13.77
N ILE A 224 -16.48 -8.20 -12.89
CA ILE A 224 -16.47 -7.71 -11.50
C ILE A 224 -16.27 -6.19 -11.42
N TYR A 225 -15.75 -5.60 -12.49
CA TYR A 225 -15.58 -4.16 -12.56
C TYR A 225 -16.85 -3.49 -13.03
N ASP A 226 -17.12 -2.31 -12.49
CA ASP A 226 -18.17 -1.47 -13.00
C ASP A 226 -17.90 -1.15 -14.47
N GLY A 227 -18.97 -0.92 -15.23
CA GLY A 227 -18.87 -0.62 -16.66
C GLY A 227 -17.81 0.43 -16.94
N ASP A 228 -17.84 1.51 -16.14
CA ASP A 228 -16.91 2.64 -16.32
C ASP A 228 -15.43 2.34 -16.06
N MET A 229 -15.15 1.39 -15.16
CA MET A 229 -13.77 0.97 -14.92
C MET A 229 -13.32 -0.06 -15.95
N ALA A 230 -14.26 -0.90 -16.39
CA ALA A 230 -14.01 -1.92 -17.42
C ALA A 230 -13.54 -1.37 -18.75
N GLU A 231 -13.92 -0.12 -19.04
CA GLU A 231 -13.46 0.58 -20.23
C GLU A 231 -11.95 0.61 -20.34
N TYR A 232 -11.29 0.86 -19.20
CA TYR A 232 -9.82 0.87 -19.15
C TYR A 232 -9.21 -0.48 -19.53
N ILE A 233 -9.91 -1.56 -19.19
CA ILE A 233 -9.44 -2.91 -19.54
C ILE A 233 -9.50 -3.15 -21.05
N TYR A 234 -10.62 -2.84 -21.70
CA TYR A 234 -10.66 -3.05 -23.15
C TYR A 234 -9.86 -2.05 -23.98
N LYS A 235 -9.46 -0.94 -23.37
CA LYS A 235 -8.52 -0.02 -23.99
C LYS A 235 -7.10 -0.60 -24.02
N GLU A 236 -6.68 -1.19 -22.89
CA GLU A 236 -5.37 -1.84 -22.78
C GLU A 236 -5.24 -3.08 -23.68
N ALA A 237 -6.29 -3.87 -23.75
CA ALA A 237 -6.31 -5.07 -24.59
C ALA A 237 -6.23 -4.70 -26.06
N ASP A 238 -7.09 -3.75 -26.46
CA ASP A 238 -7.14 -3.20 -27.80
C ASP A 238 -5.76 -2.67 -28.24
N LYS A 239 -5.17 -1.85 -27.38
CA LYS A 239 -3.81 -1.31 -27.54
C LYS A 239 -2.80 -2.39 -27.96
N HIS A 240 -2.96 -3.58 -27.39
CA HIS A 240 -2.04 -4.69 -27.65
C HIS A 240 -2.58 -5.67 -28.71
N HIS A 241 -3.63 -5.25 -29.40
CA HIS A 241 -4.23 -6.01 -30.51
C HIS A 241 -4.88 -7.32 -30.08
N ILE A 242 -5.48 -7.30 -28.89
CA ILE A 242 -6.29 -8.42 -28.42
C ILE A 242 -7.71 -8.12 -28.85
N GLU A 243 -8.28 -9.02 -29.65
CA GLU A 243 -9.64 -8.90 -30.12
C GLU A 243 -10.58 -9.33 -29.01
N ILE A 244 -11.48 -8.43 -28.62
CA ILE A 244 -12.48 -8.74 -27.62
C ILE A 244 -13.86 -8.87 -28.25
N LEU A 245 -14.47 -10.05 -28.12
CA LEU A 245 -15.81 -10.28 -28.61
C LEU A 245 -16.76 -10.44 -27.43
N THR A 246 -17.73 -9.56 -27.35
CA THR A 246 -18.60 -9.45 -26.19
C THR A 246 -20.04 -9.84 -26.58
N ASN A 247 -20.85 -10.23 -25.60
CA ASN A 247 -22.20 -10.76 -25.88
C ASN A 247 -22.15 -11.79 -27.03
N GLU A 248 -21.17 -12.69 -26.97
CA GLU A 248 -20.99 -13.72 -27.99
C GLU A 248 -20.81 -15.09 -27.34
N ASN A 249 -21.44 -16.10 -27.94
CA ASN A 249 -21.61 -17.42 -27.31
C ASN A 249 -21.00 -18.58 -28.10
N VAL A 250 -20.04 -19.26 -27.48
CA VAL A 250 -19.41 -20.43 -28.10
C VAL A 250 -20.46 -21.50 -28.36
N LYS A 251 -20.38 -22.07 -29.56
CA LYS A 251 -21.36 -22.99 -30.07
C LYS A 251 -20.67 -24.36 -30.12
N ALA A 252 -19.40 -24.35 -30.53
CA ALA A 252 -18.62 -25.57 -30.76
C ALA A 252 -17.15 -25.29 -31.06
N PHE A 253 -16.30 -26.27 -30.80
CA PHE A 253 -14.93 -26.25 -31.32
C PHE A 253 -14.86 -27.21 -32.49
N LYS A 254 -14.28 -26.75 -33.60
CA LYS A 254 -14.19 -27.52 -34.83
C LYS A 254 -12.73 -27.90 -35.12
N GLY A 255 -12.56 -29.04 -35.80
CA GLY A 255 -11.23 -29.55 -36.12
C GLY A 255 -11.18 -31.08 -36.20
N ASN A 256 -9.98 -31.58 -36.50
CA ASN A 256 -9.72 -33.00 -36.77
C ASN A 256 -9.40 -33.83 -35.51
N GLU A 257 -8.12 -34.18 -35.37
CA GLU A 257 -7.55 -34.72 -34.12
C GLU A 257 -7.26 -33.57 -33.17
N ARG A 258 -6.88 -32.42 -33.75
CA ARG A 258 -6.63 -31.19 -33.00
C ARG A 258 -7.62 -30.08 -33.35
N VAL A 259 -7.77 -29.12 -32.44
CA VAL A 259 -8.63 -27.95 -32.68
C VAL A 259 -8.02 -27.05 -33.78
N GLU A 260 -8.90 -26.49 -34.63
CA GLU A 260 -8.43 -25.58 -35.67
C GLU A 260 -9.32 -24.35 -35.84
N ALA A 261 -10.50 -24.37 -35.20
CA ALA A 261 -11.44 -23.24 -35.26
C ALA A 261 -12.45 -23.23 -34.09
N VAL A 262 -12.84 -22.03 -33.66
CA VAL A 262 -13.91 -21.84 -32.68
C VAL A 262 -15.17 -21.33 -33.38
N GLU A 263 -16.31 -21.95 -33.09
CA GLU A 263 -17.59 -21.56 -33.68
C GLU A 263 -18.51 -20.93 -32.63
N THR A 264 -19.09 -19.77 -32.96
CA THR A 264 -19.97 -19.05 -32.04
C THR A 264 -21.32 -18.77 -32.72
N ASP A 265 -22.20 -18.05 -32.03
CA ASP A 265 -23.46 -17.61 -32.65
C ASP A 265 -23.25 -16.45 -33.66
N LYS A 266 -22.01 -15.95 -33.73
CA LYS A 266 -21.70 -14.78 -34.54
C LYS A 266 -20.61 -15.02 -35.58
N GLY A 267 -20.05 -16.24 -35.60
CA GLY A 267 -19.02 -16.55 -36.59
C GLY A 267 -18.14 -17.74 -36.25
N THR A 268 -17.12 -17.94 -37.15
CA THR A 268 -16.19 -19.04 -36.99
C THR A 268 -14.77 -18.55 -37.23
N TYR A 269 -13.86 -18.84 -36.21
CA TYR A 269 -12.54 -18.23 -36.21
C TYR A 269 -11.44 -19.26 -36.03
N LYS A 270 -10.35 -19.06 -36.80
CA LYS A 270 -9.18 -19.90 -36.70
C LYS A 270 -8.57 -19.82 -35.29
N ALA A 271 -8.33 -20.99 -34.70
CA ALA A 271 -7.64 -21.08 -33.42
C ALA A 271 -6.78 -22.33 -33.42
N ASP A 272 -5.52 -22.19 -32.99
CA ASP A 272 -4.58 -23.30 -32.99
C ASP A 272 -4.46 -23.87 -31.58
N LEU A 273 -4.95 -23.08 -30.62
CA LEU A 273 -4.96 -23.43 -29.21
C LEU A 273 -6.12 -22.66 -28.60
N VAL A 274 -6.94 -23.36 -27.82
CA VAL A 274 -8.09 -22.75 -27.16
C VAL A 274 -7.93 -22.92 -25.66
N LEU A 275 -7.95 -21.79 -24.94
CA LEU A 275 -8.03 -21.82 -23.50
C LEU A 275 -9.46 -21.54 -23.05
N VAL A 276 -10.02 -22.48 -22.30
CA VAL A 276 -11.38 -22.31 -21.78
C VAL A 276 -11.28 -21.85 -20.34
N SER A 277 -11.82 -20.66 -20.10
CA SER A 277 -11.49 -19.86 -18.94
C SER A 277 -12.79 -19.29 -18.39
N VAL A 278 -13.79 -20.16 -18.20
CA VAL A 278 -15.16 -19.69 -17.94
C VAL A 278 -15.68 -19.83 -16.49
N GLY A 279 -14.78 -19.92 -15.52
CA GLY A 279 -15.20 -20.09 -14.13
C GLY A 279 -14.97 -21.49 -13.60
N VAL A 280 -15.38 -21.72 -12.34
CA VAL A 280 -14.99 -22.90 -11.58
C VAL A 280 -16.19 -23.51 -10.82
N LYS A 281 -16.05 -24.74 -10.34
CA LYS A 281 -17.09 -25.40 -9.54
C LYS A 281 -16.44 -26.07 -8.33
N PRO A 282 -17.07 -25.96 -7.14
CA PRO A 282 -16.52 -26.65 -5.98
C PRO A 282 -16.42 -28.15 -6.20
N ASN A 283 -15.30 -28.74 -5.80
CA ASN A 283 -15.10 -30.19 -5.86
C ASN A 283 -15.76 -30.87 -4.67
N THR A 284 -17.10 -30.89 -4.68
CA THR A 284 -17.87 -31.33 -3.51
C THR A 284 -18.87 -32.43 -3.87
N ASP A 285 -18.87 -32.78 -5.16
CA ASP A 285 -19.61 -33.89 -5.79
CA ASP A 285 -19.80 -33.81 -5.64
C ASP A 285 -19.74 -35.15 -4.92
N PHE A 286 -18.60 -35.56 -4.39
CA PHE A 286 -18.49 -36.83 -3.67
C PHE A 286 -19.18 -36.84 -2.30
N LEU A 287 -19.77 -35.70 -1.91
CA LEU A 287 -20.44 -35.59 -0.61
C LEU A 287 -21.95 -35.78 -0.69
N GLU A 288 -22.50 -35.82 -1.90
CA GLU A 288 -23.91 -36.16 -2.10
C GLU A 288 -24.20 -37.44 -1.32
N GLY A 289 -25.24 -37.41 -0.50
CA GLY A 289 -25.56 -38.56 0.34
C GLY A 289 -25.16 -38.36 1.79
N THR A 290 -24.28 -37.39 2.04
CA THR A 290 -24.04 -36.94 3.41
C THR A 290 -25.05 -35.82 3.65
N ASN A 291 -25.19 -35.39 4.91
CA ASN A 291 -26.09 -34.29 5.22
C ASN A 291 -25.37 -32.93 5.25
N ILE A 292 -24.19 -32.86 4.64
CA ILE A 292 -23.37 -31.65 4.70
C ILE A 292 -23.96 -30.57 3.79
N ARG A 293 -24.38 -29.47 4.41
CA ARG A 293 -25.03 -28.37 3.70
C ARG A 293 -24.07 -27.64 2.78
N THR A 294 -24.52 -27.39 1.56
CA THR A 294 -23.77 -26.61 0.58
C THR A 294 -24.67 -25.48 0.09
N ASN A 295 -24.08 -24.41 -0.43
CA ASN A 295 -24.87 -23.35 -1.05
C ASN A 295 -25.30 -23.77 -2.45
N HIS A 296 -25.90 -22.86 -3.21
CA HIS A 296 -26.39 -23.17 -4.56
C HIS A 296 -25.28 -23.58 -5.55
N LYS A 297 -24.11 -22.96 -5.43
CA LYS A 297 -22.92 -23.30 -6.21
C LYS A 297 -22.30 -24.66 -5.84
N GLY A 298 -22.78 -25.28 -4.75
CA GLY A 298 -22.15 -26.50 -4.22
C GLY A 298 -21.00 -26.26 -3.24
N ALA A 299 -20.80 -25.01 -2.82
CA ALA A 299 -19.79 -24.70 -1.82
C ALA A 299 -20.28 -25.10 -0.42
N ILE A 300 -19.39 -25.70 0.36
CA ILE A 300 -19.74 -26.18 1.68
C ILE A 300 -19.85 -25.03 2.69
N GLU A 301 -21.02 -24.94 3.32
CA GLU A 301 -21.36 -23.91 4.31
CA GLU A 301 -21.28 -23.88 4.28
C GLU A 301 -20.51 -24.13 5.56
N VAL A 302 -19.86 -23.07 6.05
CA VAL A 302 -19.09 -23.17 7.30
C VAL A 302 -19.45 -22.00 8.24
N ASN A 303 -19.41 -22.27 9.54
CA ASN A 303 -19.67 -21.25 10.55
C ASN A 303 -18.36 -20.53 10.85
N ALA A 304 -18.36 -19.66 11.85
CA ALA A 304 -17.19 -18.83 12.18
C ALA A 304 -15.90 -19.67 12.33
N TYR A 305 -16.08 -20.91 12.74
CA TYR A 305 -15.01 -21.84 13.15
C TYR A 305 -14.69 -22.93 12.13
N MET A 306 -15.12 -22.69 10.89
CA MET A 306 -14.88 -23.60 9.76
C MET A 306 -15.59 -24.95 9.89
N GLN A 307 -16.56 -25.01 10.80
CA GLN A 307 -17.37 -26.22 11.01
C GLN A 307 -18.58 -26.26 10.08
N THR A 308 -18.82 -27.43 9.49
CA THR A 308 -20.03 -27.67 8.73
C THR A 308 -21.16 -27.95 9.71
N ASN A 309 -22.36 -28.25 9.21
CA ASN A 309 -23.49 -28.58 10.08
C ASN A 309 -23.33 -29.98 10.64
N VAL A 310 -22.39 -30.74 10.08
CA VAL A 310 -22.19 -32.13 10.50
C VAL A 310 -21.04 -32.22 11.48
N GLN A 311 -21.33 -32.84 12.62
CA GLN A 311 -20.39 -33.03 13.70
C GLN A 311 -19.00 -33.51 13.27
N ASP A 312 -17.98 -32.77 13.69
CA ASP A 312 -16.57 -33.14 13.49
C ASP A 312 -16.10 -33.08 12.04
N VAL A 313 -16.92 -32.49 11.18
CA VAL A 313 -16.55 -32.25 9.79
C VAL A 313 -16.37 -30.74 9.57
N TYR A 314 -15.22 -30.39 9.00
CA TYR A 314 -14.81 -29.01 8.75
C TYR A 314 -14.59 -28.83 7.26
N ALA A 315 -14.66 -27.59 6.78
CA ALA A 315 -14.29 -27.30 5.39
C ALA A 315 -13.51 -26.00 5.36
N ALA A 316 -12.65 -25.84 4.34
CA ALA A 316 -11.84 -24.64 4.17
C ALA A 316 -11.37 -24.49 2.72
N GLY A 317 -11.23 -23.23 2.30
CA GLY A 317 -10.68 -22.94 0.99
C GLY A 317 -11.74 -22.75 -0.06
N ASP A 318 -11.36 -22.99 -1.31
CA ASP A 318 -12.25 -22.78 -2.44
C ASP A 318 -13.51 -23.66 -2.44
N CYS A 319 -13.49 -24.79 -1.72
CA CYS A 319 -14.69 -25.66 -1.64
C CYS A 319 -15.74 -25.21 -0.62
N ALA A 320 -15.41 -24.19 0.16
CA ALA A 320 -16.25 -23.74 1.27
C ALA A 320 -16.77 -22.34 1.01
N THR A 321 -17.75 -21.91 1.80
CA THR A 321 -18.30 -20.57 1.68
C THR A 321 -17.43 -19.58 2.49
N HIS A 322 -17.54 -18.30 2.14
CA HIS A 322 -16.65 -17.28 2.64
C HIS A 322 -17.49 -16.13 3.19
N TYR A 323 -17.62 -16.05 4.50
CA TYR A 323 -18.33 -14.92 5.13
C TYR A 323 -17.77 -13.63 4.58
N HIS A 324 -18.66 -12.75 4.14
CA HIS A 324 -18.23 -11.48 3.56
C HIS A 324 -18.36 -10.38 4.61
N VAL A 325 -17.26 -9.69 4.90
CA VAL A 325 -17.26 -8.59 5.87
C VAL A 325 -18.32 -7.51 5.56
N ILE A 326 -18.45 -7.13 4.28
CA ILE A 326 -19.34 -6.04 3.87
C ILE A 326 -20.75 -6.51 3.57
N LYS A 327 -20.87 -7.64 2.86
CA LYS A 327 -22.19 -8.23 2.57
C LYS A 327 -22.88 -8.80 3.81
N GLU A 328 -22.09 -9.29 4.77
CA GLU A 328 -22.60 -9.87 6.03
C GLU A 328 -23.36 -11.17 5.76
N ILE A 329 -22.93 -11.84 4.71
CA ILE A 329 -23.57 -13.01 4.21
C ILE A 329 -22.46 -13.97 3.81
N HIS A 330 -22.77 -15.27 3.73
CA HIS A 330 -21.78 -16.23 3.25
C HIS A 330 -21.71 -16.23 1.72
N ASP A 331 -20.60 -15.70 1.21
CA ASP A 331 -20.35 -15.58 -0.24
C ASP A 331 -19.52 -16.79 -0.74
N HIS A 332 -19.10 -16.72 -2.00
CA HIS A 332 -18.11 -17.65 -2.54
C HIS A 332 -17.16 -16.89 -3.46
N ILE A 333 -15.99 -16.56 -2.94
CA ILE A 333 -14.98 -15.82 -3.67
C ILE A 333 -13.69 -16.62 -3.53
N PRO A 334 -13.57 -17.70 -4.33
CA PRO A 334 -12.44 -18.61 -4.17
C PRO A 334 -11.17 -17.86 -4.53
N ILE A 335 -10.21 -17.79 -3.60
CA ILE A 335 -8.94 -17.14 -3.84
C ILE A 335 -7.91 -17.72 -2.87
N GLY A 336 -6.63 -17.65 -3.21
CA GLY A 336 -5.57 -18.31 -2.43
C GLY A 336 -5.29 -17.70 -1.07
N THR A 337 -5.37 -16.38 -0.96
CA THR A 337 -5.18 -15.71 0.33
C THR A 337 -6.22 -16.24 1.32
N THR A 338 -7.50 -16.17 0.95
CA THR A 338 -8.60 -16.72 1.75
C THR A 338 -8.42 -18.23 2.06
N ALA A 339 -7.93 -19.00 1.07
CA ALA A 339 -7.75 -20.45 1.24
C ALA A 339 -6.77 -20.77 2.37
N ASN A 340 -5.60 -20.10 2.35
CA ASN A 340 -4.60 -20.25 3.40
C ASN A 340 -5.12 -19.82 4.76
N LYS A 341 -5.78 -18.66 4.81
CA LYS A 341 -6.40 -18.16 6.04
C LYS A 341 -7.42 -19.16 6.57
N GLN A 342 -8.39 -19.54 5.75
CA GLN A 342 -9.38 -20.54 6.18
C GLN A 342 -8.73 -21.87 6.58
N GLY A 343 -7.73 -22.31 5.82
CA GLY A 343 -7.02 -23.56 6.13
C GLY A 343 -6.35 -23.51 7.51
N ARG A 344 -5.56 -22.46 7.72
CA ARG A 344 -4.90 -22.26 9.00
C ARG A 344 -5.91 -22.33 10.13
N LEU A 345 -7.01 -21.60 9.96
CA LEU A 345 -8.09 -21.50 10.94
C LEU A 345 -8.81 -22.84 11.18
N ALA A 346 -9.04 -23.60 10.11
CA ALA A 346 -9.66 -24.92 10.25
C ALA A 346 -8.80 -25.81 11.14
N GLY A 347 -7.49 -25.82 10.88
CA GLY A 347 -6.55 -26.62 11.66
C GLY A 347 -6.59 -26.25 13.13
N LEU A 348 -6.55 -24.95 13.40
CA LEU A 348 -6.63 -24.45 14.78
C LEU A 348 -7.93 -24.86 15.45
N ASN A 349 -9.03 -24.68 14.73
CA ASN A 349 -10.35 -25.01 15.27
C ASN A 349 -10.57 -26.49 15.48
N MET A 350 -9.94 -27.30 14.64
CA MET A 350 -9.95 -28.75 14.79
C MET A 350 -9.22 -29.21 16.06
N LEU A 351 -8.23 -28.43 16.49
CA LEU A 351 -7.49 -28.67 17.73
C LEU A 351 -8.18 -28.09 18.96
N ASP A 352 -9.35 -27.47 18.76
CA ASP A 352 -10.09 -26.76 19.80
C ASP A 352 -9.37 -25.52 20.33
N LYS A 353 -8.63 -24.87 19.44
CA LYS A 353 -8.03 -23.57 19.71
C LYS A 353 -8.93 -22.58 18.99
N ARG A 354 -10.01 -22.23 19.67
CA ARG A 354 -11.14 -21.54 19.06
C ARG A 354 -10.74 -20.17 18.50
N ARG A 355 -10.93 -19.98 17.20
CA ARG A 355 -10.65 -18.70 16.55
C ARG A 355 -11.57 -18.52 15.36
N ALA A 356 -12.28 -17.40 15.33
CA ALA A 356 -13.25 -17.08 14.29
C ALA A 356 -12.56 -16.51 13.07
N PHE A 357 -13.08 -16.89 11.89
CA PHE A 357 -12.70 -16.33 10.61
C PHE A 357 -13.43 -15.01 10.44
N LYS A 358 -12.67 -13.95 10.21
CA LYS A 358 -13.25 -12.59 10.18
C LYS A 358 -13.95 -12.27 8.86
N GLY A 359 -13.64 -13.01 7.79
CA GLY A 359 -14.32 -12.84 6.51
C GLY A 359 -13.44 -12.48 5.34
N THR A 360 -14.00 -12.57 4.15
CA THR A 360 -13.38 -12.02 2.95
C THR A 360 -13.84 -10.57 2.71
N LEU A 361 -13.06 -9.81 1.95
CA LEU A 361 -13.54 -8.51 1.45
C LEU A 361 -13.79 -8.60 -0.05
N GLY A 362 -13.53 -9.76 -0.62
CA GLY A 362 -13.61 -9.93 -2.07
C GLY A 362 -12.48 -9.21 -2.78
N THR A 363 -11.37 -9.01 -2.08
CA THR A 363 -10.20 -8.41 -2.72
C THR A 363 -9.71 -9.28 -3.89
N GLY A 364 -9.36 -8.62 -4.99
CA GLY A 364 -8.72 -9.28 -6.12
C GLY A 364 -7.79 -8.32 -6.84
N ILE A 365 -6.66 -8.85 -7.30
CA ILE A 365 -5.70 -8.06 -8.08
C ILE A 365 -5.14 -8.86 -9.25
N ILE A 366 -5.07 -8.22 -10.42
CA ILE A 366 -4.61 -8.84 -11.65
C ILE A 366 -3.59 -7.94 -12.36
N LYS A 367 -2.51 -8.53 -12.87
CA LYS A 367 -1.67 -7.86 -13.83
C LYS A 367 -2.22 -8.12 -15.22
N PHE A 368 -2.52 -7.05 -15.95
CA PHE A 368 -2.98 -7.17 -17.34
C PHE A 368 -2.19 -6.27 -18.29
N MET A 369 -1.24 -6.88 -18.99
CA MET A 369 -0.31 -6.16 -19.87
C MET A 369 0.37 -5.07 -19.04
N ASN A 370 0.13 -3.81 -19.39
CA ASN A 370 0.75 -2.69 -18.67
C ASN A 370 -0.08 -2.18 -17.51
N LEU A 371 -1.27 -2.76 -17.33
CA LEU A 371 -2.18 -2.32 -16.28
C LEU A 371 -2.16 -3.26 -15.11
N THR A 372 -2.38 -2.69 -13.93
CA THR A 372 -2.68 -3.45 -12.73
C THR A 372 -4.15 -3.18 -12.42
N LEU A 373 -4.92 -4.25 -12.26
CA LEU A 373 -6.35 -4.15 -12.03
C LEU A 373 -6.69 -4.65 -10.64
N ALA A 374 -7.26 -3.79 -9.81
CA ALA A 374 -7.52 -4.17 -8.42
C ALA A 374 -8.89 -3.73 -7.96
N ARG A 375 -9.53 -4.58 -7.17
CA ARG A 375 -10.84 -4.31 -6.57
C ARG A 375 -10.97 -4.94 -5.17
N THR A 376 -11.90 -4.42 -4.38
CA THR A 376 -12.21 -4.95 -3.06
C THR A 376 -13.56 -4.42 -2.60
N GLY A 377 -14.18 -5.08 -1.62
CA GLY A 377 -15.54 -4.72 -1.20
C GLY A 377 -16.61 -4.91 -2.27
N LEU A 378 -17.61 -4.03 -2.24
CA LEU A 378 -18.71 -4.10 -3.22
C LEU A 378 -18.43 -3.29 -4.48
N ASN A 379 -18.84 -3.83 -5.62
CA ASN A 379 -19.04 -3.01 -6.81
C ASN A 379 -20.51 -2.56 -6.85
N GLU A 380 -20.90 -1.88 -7.92
CA GLU A 380 -22.25 -1.32 -8.01
C GLU A 380 -23.31 -2.41 -8.12
N LYS A 381 -22.99 -3.46 -8.87
CA LYS A 381 -23.89 -4.60 -9.03
C LYS A 381 -24.18 -5.26 -7.68
N GLU A 382 -23.14 -5.44 -6.87
CA GLU A 382 -23.27 -6.06 -5.55
C GLU A 382 -24.09 -5.21 -4.58
N ALA A 383 -23.83 -3.91 -4.57
CA ALA A 383 -24.56 -2.98 -3.70
C ALA A 383 -26.05 -2.95 -4.08
N LYS A 384 -26.33 -2.78 -5.37
CA LYS A 384 -27.70 -2.85 -5.89
C LYS A 384 -28.39 -4.16 -5.54
N GLY A 385 -27.71 -5.28 -5.74
CA GLY A 385 -28.28 -6.61 -5.45
C GLY A 385 -28.67 -6.74 -3.98
N LEU A 386 -27.91 -6.09 -3.11
CA LEU A 386 -28.14 -6.15 -1.68
C LEU A 386 -29.08 -5.06 -1.16
N HIS A 387 -29.48 -4.13 -2.03
CA HIS A 387 -30.32 -3.00 -1.64
C HIS A 387 -29.72 -2.14 -0.52
N ILE A 388 -28.42 -1.94 -0.62
CA ILE A 388 -27.69 -1.02 0.24
C ILE A 388 -27.59 0.35 -0.48
N PRO A 389 -28.18 1.41 0.11
CA PRO A 389 -28.09 2.76 -0.45
C PRO A 389 -26.64 3.24 -0.47
N TYR A 390 -26.14 3.54 -1.66
CA TYR A 390 -24.74 3.90 -1.84
C TYR A 390 -24.63 5.07 -2.82
N LYS A 391 -23.47 5.72 -2.79
CA LYS A 391 -23.05 6.68 -3.79
C LYS A 391 -21.61 6.34 -4.19
N THR A 392 -21.11 7.00 -5.24
CA THR A 392 -19.77 6.70 -5.74
C THR A 392 -18.96 7.99 -5.94
N VAL A 393 -17.64 7.87 -5.87
CA VAL A 393 -16.72 8.93 -6.27
C VAL A 393 -15.66 8.32 -7.16
N LYS A 394 -15.36 9.00 -8.27
CA LYS A 394 -14.29 8.59 -9.18
C LYS A 394 -13.29 9.73 -9.38
N VAL A 395 -12.02 9.40 -9.26
CA VAL A 395 -10.94 10.37 -9.43
C VAL A 395 -10.00 9.86 -10.54
N ASP A 396 -9.69 10.74 -11.49
CA ASP A 396 -8.60 10.48 -12.43
C ASP A 396 -7.42 11.27 -11.88
N SER A 397 -6.38 10.57 -11.45
CA SER A 397 -5.30 11.14 -10.67
C SER A 397 -3.97 10.59 -11.15
N THR A 398 -2.92 10.77 -10.37
CA THR A 398 -1.64 10.11 -10.65
C THR A 398 -1.26 9.21 -9.46
N ASN A 399 -0.29 8.31 -9.68
CA ASN A 399 0.23 7.48 -8.58
C ASN A 399 1.14 8.26 -7.62
N MET A 400 1.77 9.31 -8.14
CA MET A 400 2.67 10.11 -7.35
C MET A 400 2.62 11.57 -7.78
N ALA A 401 3.32 12.42 -7.04
CA ALA A 401 3.34 13.86 -7.29
C ALA A 401 3.36 14.19 -8.79
N GLY A 402 2.38 14.99 -9.22
CA GLY A 402 2.15 15.30 -10.64
C GLY A 402 3.33 15.91 -11.36
N TYR A 403 4.21 16.58 -10.61
CA TYR A 403 5.40 17.20 -11.17
C TYR A 403 6.61 16.25 -11.30
N TYR A 404 6.54 15.09 -10.63
CA TYR A 404 7.65 14.14 -10.61
C TYR A 404 7.71 13.32 -11.93
N PRO A 405 8.94 13.01 -12.44
CA PRO A 405 9.11 12.26 -13.70
C PRO A 405 8.47 10.86 -13.73
N ASN A 406 7.85 10.54 -14.86
CA ASN A 406 7.14 9.26 -15.06
C ASN A 406 6.03 8.98 -14.02
N ALA A 407 5.49 10.04 -13.41
CA ALA A 407 4.22 9.94 -12.70
C ALA A 407 3.17 9.47 -13.73
N LYS A 408 2.40 8.45 -13.36
CA LYS A 408 1.51 7.76 -14.30
C LYS A 408 0.04 7.93 -13.86
N PRO A 409 -0.90 7.87 -14.83
CA PRO A 409 -2.31 8.00 -14.47
C PRO A 409 -2.76 6.95 -13.44
N LEU A 410 -3.66 7.36 -12.56
CA LEU A 410 -4.28 6.41 -11.63
C LEU A 410 -5.78 6.66 -11.57
N TYR A 411 -6.53 5.61 -11.86
CA TYR A 411 -7.97 5.68 -11.90
C TYR A 411 -8.51 4.96 -10.68
N LEU A 412 -9.28 5.68 -9.87
CA LEU A 412 -9.70 5.19 -8.57
C LEU A 412 -11.18 5.50 -8.31
N LYS A 413 -11.92 4.47 -7.92
CA LYS A 413 -13.35 4.63 -7.67
C LYS A 413 -13.69 4.06 -6.31
N LEU A 414 -14.57 4.73 -5.58
CA LEU A 414 -14.99 4.28 -4.25
C LEU A 414 -16.51 4.29 -4.16
N LEU A 415 -17.04 3.32 -3.42
CA LEU A 415 -18.47 3.27 -3.12
C LEU A 415 -18.61 3.43 -1.64
N TYR A 416 -19.64 4.13 -1.20
CA TYR A 416 -19.88 4.36 0.22
C TYR A 416 -21.37 4.48 0.48
N ARG A 417 -21.80 4.12 1.69
CA ARG A 417 -23.19 4.24 2.08
C ARG A 417 -23.64 5.69 2.04
N SER A 418 -24.81 5.93 1.45
CA SER A 418 -25.29 7.29 1.34
C SER A 418 -25.73 7.86 2.69
N ASP A 419 -26.09 6.98 3.64
CA ASP A 419 -26.54 7.42 4.97
C ASP A 419 -25.43 7.53 6.02
N THR A 420 -24.76 6.43 6.32
CA THR A 420 -23.66 6.44 7.29
C THR A 420 -22.30 6.83 6.69
N LYS A 421 -22.16 6.77 5.37
CA LYS A 421 -20.88 7.04 4.70
C LYS A 421 -19.84 5.91 4.89
N GLN A 422 -20.26 4.81 5.48
CA GLN A 422 -19.39 3.66 5.62
C GLN A 422 -18.83 3.34 4.24
N LEU A 423 -17.52 3.14 4.18
CA LEU A 423 -16.88 2.77 2.92
C LEU A 423 -17.35 1.37 2.54
N LEU A 424 -17.69 1.16 1.28
CA LEU A 424 -18.28 -0.12 0.84
C LEU A 424 -17.40 -0.93 -0.12
N GLY A 425 -16.61 -0.23 -0.93
CA GLY A 425 -15.80 -0.90 -1.94
C GLY A 425 -14.89 0.05 -2.69
N GLY A 426 -13.94 -0.51 -3.43
CA GLY A 426 -13.03 0.27 -4.23
C GLY A 426 -12.63 -0.49 -5.47
N GLN A 427 -12.35 0.26 -6.55
CA GLN A 427 -11.74 -0.26 -7.76
C GLN A 427 -10.63 0.69 -8.14
N VAL A 428 -9.44 0.15 -8.36
CA VAL A 428 -8.26 0.93 -8.74
C VAL A 428 -7.62 0.31 -9.97
N ILE A 429 -7.28 1.16 -10.96
CA ILE A 429 -6.69 0.73 -12.22
C ILE A 429 -5.63 1.72 -12.67
N GLY A 430 -4.44 1.21 -12.98
CA GLY A 430 -3.34 2.00 -13.54
C GLY A 430 -2.09 1.15 -13.67
N GLU A 431 -0.99 1.75 -14.11
CA GLU A 431 0.25 0.98 -14.31
C GLU A 431 1.13 0.85 -13.06
N GLU A 432 1.01 1.79 -12.12
CA GLU A 432 1.76 1.72 -10.87
C GLU A 432 0.97 2.19 -9.65
N GLY A 433 1.35 1.68 -8.48
CA GLY A 433 0.77 2.13 -7.21
C GLY A 433 -0.65 1.67 -6.96
N VAL A 434 -1.13 0.72 -7.76
CA VAL A 434 -2.49 0.19 -7.65
C VAL A 434 -2.64 -0.80 -6.49
N ASP A 435 -1.68 -1.72 -6.32
CA ASP A 435 -1.72 -2.67 -5.20
C ASP A 435 -1.69 -1.95 -3.86
N LYS A 436 -0.91 -0.86 -3.78
CA LYS A 436 -0.88 -0.02 -2.58
C LYS A 436 -2.27 0.52 -2.19
N ARG A 437 -2.97 1.08 -3.17
CA ARG A 437 -4.23 1.77 -2.91
C ARG A 437 -5.32 0.77 -2.52
N ILE A 438 -5.35 -0.37 -3.20
CA ILE A 438 -6.33 -1.39 -2.89
C ILE A 438 -6.10 -2.00 -1.51
N ASP A 439 -4.83 -2.21 -1.14
CA ASP A 439 -4.52 -2.69 0.22
C ASP A 439 -4.98 -1.70 1.30
N VAL A 440 -4.81 -0.39 1.03
CA VAL A 440 -5.28 0.65 1.98
C VAL A 440 -6.82 0.67 2.07
N ILE A 441 -7.48 0.60 0.92
CA ILE A 441 -8.94 0.47 0.88
C ILE A 441 -9.40 -0.77 1.64
N ALA A 442 -8.71 -1.90 1.44
CA ALA A 442 -9.03 -3.16 2.14
C ALA A 442 -8.92 -2.99 3.65
N MET A 443 -7.86 -2.34 4.10
CA MET A 443 -7.71 -2.02 5.51
C MET A 443 -8.88 -1.19 6.03
N ALA A 444 -9.28 -0.17 5.25
CA ALA A 444 -10.42 0.69 5.61
C ALA A 444 -11.71 -0.09 5.72
N LEU A 445 -11.96 -0.97 4.74
CA LEU A 445 -13.14 -1.81 4.79
C LEU A 445 -13.10 -2.79 5.97
N PHE A 446 -11.96 -3.42 6.22
CA PHE A 446 -11.85 -4.35 7.35
C PHE A 446 -12.23 -3.64 8.67
N ASN A 447 -11.77 -2.40 8.84
CA ASN A 447 -12.09 -1.63 10.03
C ASN A 447 -13.41 -0.86 9.97
N LYS A 448 -14.22 -1.11 8.94
CA LYS A 448 -15.53 -0.46 8.82
C LYS A 448 -15.45 1.08 8.88
N MET A 449 -14.44 1.63 8.25
CA MET A 449 -14.21 3.06 8.32
C MET A 449 -15.25 3.82 7.49
N SER A 450 -15.62 5.00 7.99
CA SER A 450 -16.33 5.99 7.18
C SER A 450 -15.38 6.52 6.12
N ILE A 451 -15.92 6.84 4.95
CA ILE A 451 -15.10 7.33 3.83
C ILE A 451 -14.30 8.58 4.19
N HIS A 452 -14.89 9.48 4.96
CA HIS A 452 -14.20 10.71 5.32
C HIS A 452 -13.08 10.51 6.36
N ASP A 453 -13.12 9.43 7.13
CA ASP A 453 -12.03 9.08 8.06
C ASP A 453 -10.68 8.88 7.36
N LEU A 454 -10.72 8.46 6.10
CA LEU A 454 -9.54 8.29 5.27
C LEU A 454 -8.71 9.58 5.17
N GLU A 455 -9.39 10.72 5.15
CA GLU A 455 -8.75 12.05 5.10
C GLU A 455 -7.80 12.29 6.26
N ASP A 456 -8.02 11.55 7.35
CA ASP A 456 -7.33 11.78 8.65
C ASP A 456 -6.16 10.83 8.87
N VAL A 457 -5.99 9.84 8.00
CA VAL A 457 -4.92 8.88 8.17
C VAL A 457 -3.57 9.45 7.70
N ASP A 458 -2.55 9.30 8.55
CA ASP A 458 -1.18 9.70 8.24
C ASP A 458 -0.51 8.68 7.31
N LEU A 459 -0.97 8.64 6.06
CA LEU A 459 -0.37 7.84 5.02
C LEU A 459 0.94 8.50 4.61
N SER A 460 1.85 7.70 4.06
CA SER A 460 3.17 8.18 3.67
C SER A 460 3.12 9.08 2.46
N TYR A 461 4.01 10.08 2.46
CA TYR A 461 4.30 10.90 1.27
C TYR A 461 5.77 11.30 1.13
N ALA A 462 6.34 10.87 -0.01
CA ALA A 462 7.46 11.56 -0.63
C ALA A 462 7.17 11.54 -2.14
N PRO A 463 7.79 12.46 -2.91
CA PRO A 463 7.45 12.61 -4.33
C PRO A 463 7.51 11.34 -5.21
N PRO A 464 8.52 10.45 -5.01
CA PRO A 464 8.54 9.23 -5.83
C PRO A 464 7.45 8.19 -5.52
N TYR A 465 6.62 8.43 -4.49
CA TYR A 465 5.69 7.40 -4.01
C TYR A 465 4.22 7.79 -4.03
N ASN A 466 3.94 9.08 -3.86
CA ASN A 466 2.57 9.54 -3.66
C ASN A 466 2.50 11.02 -3.92
N SER A 467 1.32 11.60 -3.71
CA SER A 467 1.12 13.03 -3.64
C SER A 467 0.82 13.36 -2.19
N VAL A 468 0.95 14.65 -1.84
CA VAL A 468 0.80 15.09 -0.45
C VAL A 468 -0.58 14.72 0.17
N TRP A 469 -1.62 14.68 -0.67
CA TRP A 469 -2.84 13.91 -0.39
C TRP A 469 -2.85 12.69 -1.33
N ASP A 470 -3.04 11.51 -0.76
CA ASP A 470 -3.14 10.27 -1.56
C ASP A 470 -4.44 10.32 -2.33
N PRO A 471 -4.46 9.77 -3.57
CA PRO A 471 -5.68 9.66 -4.38
C PRO A 471 -6.92 9.20 -3.61
N ILE A 472 -6.74 8.25 -2.70
CA ILE A 472 -7.87 7.76 -1.90
C ILE A 472 -8.48 8.91 -1.07
N GLN A 473 -7.61 9.78 -0.55
CA GLN A 473 -8.04 10.87 0.31
C GLN A 473 -8.70 11.95 -0.51
N GLN A 474 -8.15 12.22 -1.69
CA GLN A 474 -8.78 13.16 -2.62
CA GLN A 474 -8.75 13.12 -2.67
C GLN A 474 -10.18 12.66 -3.04
N ALA A 475 -10.33 11.36 -3.32
CA ALA A 475 -11.65 10.82 -3.61
C ALA A 475 -12.61 10.98 -2.42
N ALA A 476 -12.11 10.67 -1.23
CA ALA A 476 -12.91 10.80 -0.01
C ALA A 476 -13.46 12.21 0.20
N ARG A 477 -12.65 13.22 -0.13
CA ARG A 477 -13.03 14.61 0.00
C ARG A 477 -14.20 14.98 -0.92
N ARG A 478 -14.26 14.35 -2.10
CA ARG A 478 -15.33 14.61 -3.07
C ARG A 478 -16.67 14.04 -2.59
N ALA A 479 -16.61 13.04 -1.72
CA ALA A 479 -17.81 12.35 -1.24
C ALA A 479 -18.71 13.28 -0.44
N GLU A 480 -20.01 12.99 -0.48
CA GLU A 480 -21.00 13.78 0.26
C GLU A 480 -20.95 13.51 1.76
N MET B 37 -16.06 37.29 9.28
CA MET B 37 -15.74 38.38 8.30
C MET B 37 -14.20 38.55 8.14
N ASN B 38 -13.50 39.13 9.11
CA ASN B 38 -12.03 39.34 8.97
C ASN B 38 -11.13 38.18 9.40
N TYR B 39 -10.58 37.46 8.42
CA TYR B 39 -9.65 36.36 8.67
C TYR B 39 -8.23 36.73 8.23
N VAL B 40 -7.28 36.60 9.16
CA VAL B 40 -5.87 36.80 8.82
C VAL B 40 -5.06 35.51 8.97
N ILE B 41 -4.27 35.20 7.94
CA ILE B 41 -3.39 34.03 7.95
C ILE B 41 -1.94 34.47 7.79
N ILE B 42 -1.08 33.98 8.67
CA ILE B 42 0.35 34.24 8.55
C ILE B 42 1.09 33.03 7.99
N GLY B 43 1.67 33.20 6.80
CA GLY B 43 2.39 32.15 6.08
C GLY B 43 1.59 31.68 4.87
N GLY B 44 2.18 31.77 3.68
CA GLY B 44 1.47 31.48 2.46
C GLY B 44 1.83 30.17 1.79
N ASP B 45 1.90 29.10 2.57
CA ASP B 45 2.21 27.79 2.01
C ASP B 45 1.16 26.74 2.36
N ALA B 46 1.62 25.52 2.66
CA ALA B 46 0.73 24.36 2.74
C ALA B 46 -0.37 24.52 3.79
N ALA B 47 0.00 24.83 5.02
CA ALA B 47 -0.99 24.91 6.09
C ALA B 47 -1.84 26.15 5.93
N GLY B 48 -1.18 27.29 5.65
CA GLY B 48 -1.88 28.57 5.53
C GLY B 48 -2.90 28.64 4.41
N MET B 49 -2.49 28.20 3.23
CA MET B 49 -3.36 28.25 2.07
C MET B 49 -4.42 27.14 2.04
N SER B 50 -4.16 26.00 2.68
CA SER B 50 -5.22 24.98 2.87
C SER B 50 -6.36 25.60 3.71
N ALA B 51 -5.98 26.37 4.74
CA ALA B 51 -6.95 27.09 5.55
C ALA B 51 -7.71 28.12 4.75
N ALA B 52 -6.98 28.92 3.97
CA ALA B 52 -7.56 29.95 3.09
C ALA B 52 -8.61 29.39 2.13
N MET B 53 -8.28 28.27 1.48
CA MET B 53 -9.23 27.61 0.57
C MET B 53 -10.54 27.22 1.26
N GLN B 54 -10.43 26.67 2.47
CA GLN B 54 -11.60 26.28 3.26
C GLN B 54 -12.49 27.47 3.59
N ILE B 55 -11.88 28.56 4.08
CA ILE B 55 -12.63 29.76 4.40
C ILE B 55 -13.35 30.34 3.17
N VAL B 56 -12.60 30.46 2.08
CA VAL B 56 -13.10 31.01 0.82
C VAL B 56 -14.26 30.20 0.25
N ARG B 57 -14.16 28.88 0.33
CA ARG B 57 -15.20 28.03 -0.21
C ARG B 57 -16.47 28.01 0.63
N ASN B 58 -16.34 28.23 1.94
CA ASN B 58 -17.45 28.00 2.88
C ASN B 58 -17.94 29.26 3.58
N ASP B 59 -17.54 30.42 3.05
CA ASP B 59 -17.99 31.73 3.52
C ASP B 59 -17.71 32.77 2.43
N GLU B 60 -18.77 33.20 1.76
CA GLU B 60 -18.66 34.17 0.67
C GLU B 60 -18.43 35.58 1.19
N ASN B 61 -18.79 35.81 2.46
CA ASN B 61 -18.67 37.14 3.09
C ASN B 61 -17.33 37.38 3.77
N ALA B 62 -16.45 36.39 3.69
CA ALA B 62 -15.15 36.43 4.36
C ALA B 62 -14.16 37.32 3.63
N ASN B 63 -13.43 38.12 4.41
CA ASN B 63 -12.31 38.88 3.89
C ASN B 63 -11.04 38.18 4.35
N VAL B 64 -10.39 37.50 3.42
CA VAL B 64 -9.19 36.74 3.73
C VAL B 64 -7.95 37.53 3.33
N VAL B 65 -7.14 37.87 4.34
CA VAL B 65 -5.82 38.42 4.14
C VAL B 65 -4.79 37.36 4.52
N THR B 66 -3.89 37.04 3.59
CA THR B 66 -2.78 36.15 3.88
C THR B 66 -1.48 36.93 3.75
N LEU B 67 -0.58 36.70 4.69
CA LEU B 67 0.66 37.46 4.79
C LEU B 67 1.87 36.55 4.65
N GLU B 68 2.62 36.73 3.57
CA GLU B 68 3.76 35.87 3.32
C GLU B 68 5.03 36.68 3.23
N LYS B 69 6.04 36.20 3.96
CA LYS B 69 7.34 36.86 4.06
C LYS B 69 8.10 36.86 2.72
N GLY B 70 8.04 35.74 2.00
CA GLY B 70 8.75 35.62 0.72
C GLY B 70 7.94 36.14 -0.46
N GLU B 71 8.29 35.69 -1.67
CA GLU B 71 7.61 36.12 -2.88
C GLU B 71 6.83 34.98 -3.53
N ILE B 72 6.89 33.80 -2.93
CA ILE B 72 6.33 32.58 -3.53
C ILE B 72 5.30 31.89 -2.63
N TYR B 73 4.09 31.76 -3.16
CA TYR B 73 3.01 31.04 -2.48
C TYR B 73 2.97 29.57 -2.85
N SER B 74 2.27 28.77 -2.04
CA SER B 74 1.92 27.38 -2.36
C SER B 74 2.89 26.65 -3.30
N TYR B 75 4.03 26.23 -2.77
CA TYR B 75 5.02 25.52 -3.58
C TYR B 75 5.40 24.22 -2.89
N ALA B 76 6.05 23.33 -3.62
CA ALA B 76 6.37 22.00 -3.12
C ALA B 76 7.82 21.88 -2.63
N GLN B 77 8.05 22.14 -1.34
CA GLN B 77 9.40 22.00 -0.74
C GLN B 77 10.00 20.60 -0.96
N CYS B 78 9.12 19.59 -1.06
CA CYS B 78 9.47 18.20 -1.31
C CYS B 78 10.22 17.94 -2.62
N GLY B 79 9.98 18.79 -3.62
CA GLY B 79 10.60 18.63 -4.94
C GLY B 79 11.96 19.26 -5.11
N LEU B 80 12.38 20.05 -4.11
CA LEU B 80 13.66 20.77 -4.13
C LEU B 80 14.88 19.91 -4.44
N PRO B 81 15.07 18.79 -3.71
CA PRO B 81 16.25 17.96 -3.98
C PRO B 81 16.27 17.41 -5.40
N TYR B 82 15.09 17.22 -5.99
CA TYR B 82 14.97 16.65 -7.33
C TYR B 82 15.06 17.71 -8.45
N VAL B 83 14.88 18.97 -8.08
CA VAL B 83 15.19 20.08 -8.99
C VAL B 83 16.71 20.24 -9.04
N ILE B 84 17.36 20.17 -7.88
CA ILE B 84 18.82 20.31 -7.80
C ILE B 84 19.56 19.18 -8.54
N SER B 85 19.03 17.95 -8.48
CA SER B 85 19.60 16.83 -9.23
C SER B 85 19.39 16.99 -10.73
N GLY B 86 18.40 17.78 -11.12
CA GLY B 86 18.07 18.00 -12.52
C GLY B 86 16.94 17.12 -13.02
N ALA B 87 16.40 16.28 -12.12
CA ALA B 87 15.32 15.34 -12.48
C ALA B 87 14.03 16.07 -12.88
N ILE B 88 13.82 17.23 -12.24
CA ILE B 88 12.75 18.17 -12.56
C ILE B 88 13.41 19.38 -13.22
N ALA B 89 12.76 19.95 -14.22
CA ALA B 89 13.37 20.97 -15.09
C ALA B 89 13.70 22.28 -14.38
N SER B 90 12.80 22.72 -13.50
CA SER B 90 12.96 24.00 -12.81
C SER B 90 12.08 24.05 -11.57
N THR B 91 12.38 25.02 -10.70
CA THR B 91 11.62 25.28 -9.48
C THR B 91 10.21 25.78 -9.79
N GLU B 92 10.02 26.35 -10.97
CA GLU B 92 8.71 26.84 -11.42
C GLU B 92 7.68 25.71 -11.44
N LYS B 93 8.16 24.49 -11.68
CA LYS B 93 7.31 23.30 -11.72
C LYS B 93 6.79 22.91 -10.35
N LEU B 94 7.33 23.54 -9.30
CA LEU B 94 6.99 23.18 -7.93
C LEU B 94 5.90 24.06 -7.36
N ILE B 95 5.49 25.09 -8.09
CA ILE B 95 4.40 25.96 -7.67
C ILE B 95 3.06 25.24 -7.86
N ALA B 96 2.31 25.09 -6.77
CA ALA B 96 1.02 24.40 -6.80
C ALA B 96 -0.09 25.35 -7.23
N ARG B 97 -0.03 26.57 -6.70
CA ARG B 97 -1.01 27.61 -7.00
C ARG B 97 -0.30 28.96 -6.85
N ASN B 98 -0.28 29.75 -7.92
CA ASN B 98 0.39 31.04 -7.83
C ASN B 98 -0.50 32.11 -7.18
N VAL B 99 0.11 33.23 -6.81
CA VAL B 99 -0.56 34.31 -6.09
C VAL B 99 -1.71 34.95 -6.89
N LYS B 100 -1.51 35.11 -8.20
CA LYS B 100 -2.53 35.66 -9.11
C LYS B 100 -3.84 34.87 -9.06
N THR B 101 -3.73 33.54 -9.03
CA THR B 101 -4.91 32.68 -8.87
C THR B 101 -5.62 32.96 -7.54
N PHE B 102 -4.84 33.04 -6.46
CA PHE B 102 -5.41 33.29 -5.13
C PHE B 102 -6.16 34.62 -5.09
N ARG B 103 -5.55 35.65 -5.69
CA ARG B 103 -6.16 36.98 -5.78
C ARG B 103 -7.37 36.98 -6.74
N ASP B 104 -7.12 36.71 -8.03
CA ASP B 104 -8.15 36.85 -9.06
C ASP B 104 -9.31 35.83 -8.96
N LYS B 105 -8.99 34.56 -8.73
CA LYS B 105 -10.00 33.51 -8.78
C LYS B 105 -10.76 33.33 -7.48
N TYR B 106 -10.05 33.49 -6.37
CA TYR B 106 -10.60 33.18 -5.04
C TYR B 106 -10.82 34.40 -4.15
N GLY B 107 -10.41 35.58 -4.64
CA GLY B 107 -10.69 36.85 -3.97
C GLY B 107 -9.95 37.01 -2.66
N ILE B 108 -8.91 36.21 -2.46
CA ILE B 108 -8.02 36.33 -1.30
C ILE B 108 -7.10 37.55 -1.50
N ASP B 109 -6.92 38.34 -0.44
CA ASP B 109 -5.93 39.42 -0.45
C ASP B 109 -4.57 38.85 -0.04
N ALA B 110 -3.95 38.13 -0.97
CA ALA B 110 -2.66 37.51 -0.74
C ALA B 110 -1.51 38.51 -0.85
N LYS B 111 -0.88 38.80 0.29
CA LYS B 111 0.22 39.76 0.34
C LYS B 111 1.56 39.02 0.31
N VAL B 112 2.46 39.48 -0.55
CA VAL B 112 3.82 38.94 -0.63
C VAL B 112 4.78 39.90 0.06
N ARG B 113 5.93 39.39 0.47
CA ARG B 113 6.98 40.21 1.10
C ARG B 113 6.48 40.99 2.33
N HIS B 114 5.51 40.43 3.03
CA HIS B 114 5.03 40.97 4.31
C HIS B 114 5.45 40.04 5.42
N GLU B 115 6.45 40.47 6.19
CA GLU B 115 6.88 39.73 7.37
C GLU B 115 6.21 40.26 8.62
N VAL B 116 5.50 39.38 9.33
CA VAL B 116 4.88 39.73 10.60
C VAL B 116 5.93 39.77 11.69
N THR B 117 5.98 40.90 12.39
CA THR B 117 6.96 41.14 13.43
C THR B 117 6.31 41.16 14.82
N LYS B 118 4.98 41.31 14.85
CA LYS B 118 4.24 41.43 16.10
C LYS B 118 2.75 41.11 15.93
N VAL B 119 2.17 40.45 16.94
CA VAL B 119 0.72 40.34 17.04
C VAL B 119 0.25 40.88 18.39
N ASP B 120 -0.73 41.78 18.35
CA ASP B 120 -1.45 42.22 19.54
C ASP B 120 -2.78 41.49 19.57
N THR B 121 -2.85 40.45 20.40
CA THR B 121 -4.02 39.57 20.48
C THR B 121 -5.20 40.16 21.26
N GLU B 122 -4.92 41.21 22.03
CA GLU B 122 -5.94 41.93 22.81
C GLU B 122 -6.71 42.87 21.89
N LYS B 123 -5.98 43.70 21.15
CA LYS B 123 -6.55 44.60 20.15
C LYS B 123 -6.86 43.87 18.84
N LYS B 124 -6.42 42.62 18.74
CA LYS B 124 -6.65 41.79 17.54
C LYS B 124 -6.08 42.46 16.28
N ILE B 125 -4.80 42.81 16.34
CA ILE B 125 -4.10 43.46 15.23
C ILE B 125 -2.76 42.76 14.96
N VAL B 126 -2.54 42.47 13.69
CA VAL B 126 -1.28 41.88 13.21
C VAL B 126 -0.43 42.97 12.58
N TYR B 127 0.84 43.05 12.98
CA TYR B 127 1.75 44.06 12.43
C TYR B 127 2.78 43.42 11.51
N ALA B 128 2.83 43.90 10.27
CA ALA B 128 3.77 43.39 9.28
C ALA B 128 4.70 44.46 8.73
N GLU B 129 5.95 44.06 8.53
CA GLU B 129 6.98 44.88 7.91
C GLU B 129 7.05 44.50 6.42
N HIS B 130 7.28 45.49 5.55
CA HIS B 130 7.62 45.17 4.16
C HIS B 130 9.10 44.85 4.06
N THR B 131 9.42 43.68 3.52
CA THR B 131 10.81 43.18 3.50
C THR B 131 11.79 44.05 2.70
N LYS B 132 11.28 44.86 1.77
CA LYS B 132 12.12 45.75 0.98
C LYS B 132 12.15 47.17 1.58
N THR B 133 10.99 47.84 1.58
CA THR B 133 10.89 49.23 2.03
C THR B 133 11.02 49.34 3.54
N LYS B 134 10.68 48.27 4.24
CA LYS B 134 10.71 48.22 5.71
C LYS B 134 9.61 49.07 6.38
N ASP B 135 8.60 49.45 5.60
CA ASP B 135 7.45 50.19 6.11
C ASP B 135 6.48 49.23 6.80
N VAL B 136 5.72 49.76 7.77
CA VAL B 136 4.93 48.94 8.68
C VAL B 136 3.44 49.00 8.38
N PHE B 137 2.84 47.83 8.21
CA PHE B 137 1.43 47.69 7.91
C PHE B 137 0.72 46.91 9.01
N GLU B 138 -0.53 47.28 9.28
CA GLU B 138 -1.31 46.58 10.26
C GLU B 138 -2.60 46.00 9.67
N PHE B 139 -3.02 44.87 10.23
CA PHE B 139 -4.15 44.12 9.72
C PHE B 139 -5.00 43.67 10.90
N SER B 140 -6.24 44.14 10.92
CA SER B 140 -7.20 43.82 11.97
C SER B 140 -7.81 42.45 11.70
N TYR B 141 -8.03 41.65 12.75
CA TYR B 141 -8.63 40.32 12.59
C TYR B 141 -9.80 40.02 13.50
N ASP B 142 -10.68 39.14 13.04
CA ASP B 142 -11.66 38.51 13.91
C ASP B 142 -11.13 37.16 14.32
N ARG B 143 -10.57 36.42 13.35
CA ARG B 143 -9.94 35.12 13.59
C ARG B 143 -8.54 35.15 12.96
N LEU B 144 -7.55 34.69 13.71
CA LEU B 144 -6.16 34.62 13.25
C LEU B 144 -5.64 33.18 13.18
N LEU B 145 -4.88 32.90 12.12
CA LEU B 145 -4.16 31.64 11.97
C LEU B 145 -2.67 31.88 11.80
N ILE B 146 -1.86 31.21 12.62
CA ILE B 146 -0.41 31.25 12.44
C ILE B 146 0.04 29.99 11.71
N ALA B 147 0.65 30.15 10.54
CA ALA B 147 1.06 29.01 9.70
C ALA B 147 2.45 29.26 9.07
N THR B 148 3.38 29.64 9.95
CA THR B 148 4.71 30.16 9.58
C THR B 148 5.79 29.08 9.44
N GLY B 149 5.41 27.83 9.67
CA GLY B 149 6.29 26.68 9.41
C GLY B 149 7.50 26.67 10.32
N VAL B 150 8.59 26.09 9.83
CA VAL B 150 9.87 26.02 10.52
C VAL B 150 10.93 26.52 9.56
N ARG B 151 12.08 26.92 10.11
CA ARG B 151 13.26 27.30 9.32
C ARG B 151 14.39 26.32 9.64
N PRO B 152 15.33 26.10 8.69
CA PRO B 152 16.48 25.25 9.03
C PRO B 152 17.40 25.90 10.08
N VAL B 153 18.04 25.06 10.89
CA VAL B 153 18.95 25.57 11.93
C VAL B 153 20.37 25.70 11.37
N MET B 154 21.00 26.85 11.62
CA MET B 154 22.42 27.04 11.34
C MET B 154 23.17 27.33 12.64
N PRO B 155 23.83 26.29 13.21
CA PRO B 155 24.64 26.44 14.41
C PRO B 155 25.71 27.50 14.22
N GLU B 156 26.15 28.09 15.33
CA GLU B 156 27.03 29.23 15.29
C GLU B 156 28.51 28.85 15.10
N TRP B 157 28.78 28.05 14.06
CA TRP B 157 30.15 27.72 13.69
C TRP B 157 30.83 28.86 12.97
N GLU B 158 32.15 28.99 13.15
CA GLU B 158 32.97 29.84 12.29
C GLU B 158 32.80 29.46 10.82
N GLY B 159 32.81 30.46 9.95
CA GLY B 159 32.71 30.27 8.50
C GLY B 159 31.33 29.87 8.01
N ARG B 160 30.33 29.94 8.89
CA ARG B 160 28.96 29.54 8.53
C ARG B 160 28.35 30.42 7.44
N ASP B 161 28.87 31.64 7.32
CA ASP B 161 28.44 32.63 6.33
C ASP B 161 29.27 32.59 5.03
N LEU B 162 30.20 31.64 4.90
CA LEU B 162 31.02 31.55 3.68
C LEU B 162 30.18 31.15 2.47
N GLN B 163 30.58 31.63 1.30
CA GLN B 163 29.89 31.29 0.05
C GLN B 163 30.07 29.80 -0.21
N GLY B 164 28.97 29.12 -0.52
CA GLY B 164 29.01 27.68 -0.78
C GLY B 164 28.52 26.86 0.40
N VAL B 165 28.24 27.53 1.52
CA VAL B 165 27.60 26.92 2.68
C VAL B 165 26.11 27.19 2.59
N HIS B 166 25.31 26.12 2.58
CA HIS B 166 23.90 26.23 2.24
C HIS B 166 22.99 25.50 3.21
N LEU B 167 21.85 26.12 3.48
CA LEU B 167 20.71 25.44 4.07
C LEU B 167 19.72 25.18 2.95
N LEU B 168 18.83 24.20 3.12
CA LEU B 168 17.81 23.96 2.12
C LEU B 168 16.40 24.00 2.70
N LYS B 169 15.64 25.03 2.33
CA LYS B 169 14.25 25.13 2.73
C LYS B 169 13.34 25.61 1.60
N THR B 170 13.77 26.66 0.90
CA THR B 170 12.93 27.44 -0.01
C THR B 170 13.39 27.28 -1.46
N ILE B 171 12.59 27.80 -2.39
CA ILE B 171 13.01 27.82 -3.80
C ILE B 171 14.28 28.66 -4.00
N PRO B 172 14.36 29.89 -3.43
CA PRO B 172 15.65 30.59 -3.54
C PRO B 172 16.83 29.81 -2.96
N ASP B 173 16.64 29.13 -1.84
CA ASP B 173 17.68 28.27 -1.24
C ASP B 173 18.23 27.26 -2.27
N ALA B 174 17.32 26.59 -2.98
CA ALA B 174 17.68 25.65 -4.04
C ALA B 174 18.43 26.35 -5.17
N GLU B 175 17.96 27.54 -5.55
CA GLU B 175 18.58 28.29 -6.65
C GLU B 175 20.00 28.73 -6.33
N ARG B 176 20.23 29.09 -5.07
CA ARG B 176 21.57 29.43 -4.57
C ARG B 176 22.52 28.23 -4.55
N ILE B 177 21.98 27.03 -4.38
CA ILE B 177 22.80 25.82 -4.48
C ILE B 177 23.14 25.55 -5.94
N LEU B 178 22.16 25.75 -6.81
CA LEU B 178 22.34 25.65 -8.25
C LEU B 178 23.35 26.69 -8.76
N LYS B 179 23.33 27.88 -8.17
CA LYS B 179 24.33 28.91 -8.51
C LYS B 179 25.75 28.49 -8.14
N THR B 180 25.90 27.90 -6.96
CA THR B 180 27.20 27.36 -6.53
C THR B 180 27.67 26.21 -7.43
N LEU B 181 26.74 25.35 -7.84
CA LEU B 181 27.06 24.25 -8.76
C LEU B 181 27.43 24.76 -10.15
N GLU B 182 26.75 25.82 -10.59
CA GLU B 182 26.92 26.36 -11.94
C GLU B 182 28.25 27.12 -12.06
N THR B 183 28.46 28.07 -11.14
CA THR B 183 29.56 29.02 -11.25
C THR B 183 30.88 28.57 -10.63
N ASN B 184 30.88 27.43 -9.93
CA ASN B 184 32.09 26.92 -9.29
C ASN B 184 32.48 25.50 -9.72
N LYS B 185 33.76 25.15 -9.52
CA LYS B 185 34.25 23.79 -9.74
C LYS B 185 34.04 22.91 -8.51
N VAL B 186 32.84 22.33 -8.40
CA VAL B 186 32.46 21.50 -7.26
C VAL B 186 32.76 20.02 -7.55
N GLU B 187 33.64 19.42 -6.75
CA GLU B 187 33.90 17.98 -6.84
C GLU B 187 33.69 17.26 -5.49
N ASP B 188 33.97 17.94 -4.38
CA ASP B 188 33.77 17.39 -3.04
C ASP B 188 32.64 18.11 -2.32
N VAL B 189 31.69 17.35 -1.80
CA VAL B 189 30.53 17.91 -1.10
C VAL B 189 30.40 17.28 0.29
N THR B 190 30.25 18.13 1.30
CA THR B 190 30.08 17.66 2.67
C THR B 190 28.69 18.06 3.18
N ILE B 191 27.99 17.06 3.72
CA ILE B 191 26.65 17.25 4.28
C ILE B 191 26.75 17.10 5.78
N ILE B 192 26.24 18.09 6.50
CA ILE B 192 26.17 18.02 7.95
C ILE B 192 24.74 17.65 8.37
N GLY B 193 24.59 16.50 9.02
CA GLY B 193 23.30 16.02 9.47
C GLY B 193 22.82 14.86 8.62
N GLY B 194 22.68 13.68 9.23
CA GLY B 194 22.28 12.47 8.50
C GLY B 194 20.81 12.13 8.68
N GLY B 195 19.95 13.14 8.52
CA GLY B 195 18.51 12.99 8.63
C GLY B 195 17.89 13.07 7.26
N ALA B 196 16.62 13.48 7.21
CA ALA B 196 15.83 13.43 5.97
C ALA B 196 16.39 14.25 4.81
N ILE B 197 16.75 15.52 5.07
CA ILE B 197 17.29 16.37 4.01
C ILE B 197 18.68 15.89 3.60
N GLY B 198 19.48 15.49 4.59
CA GLY B 198 20.85 15.04 4.33
C GLY B 198 20.88 13.78 3.48
N LEU B 199 19.94 12.88 3.75
CA LEU B 199 19.87 11.62 3.03
C LEU B 199 19.49 11.83 1.56
N GLU B 200 18.40 12.57 1.31
CA GLU B 200 17.94 12.84 -0.06
C GLU B 200 18.96 13.65 -0.86
N MET B 201 19.60 14.64 -0.21
CA MET B 201 20.62 15.46 -0.88
C MET B 201 21.92 14.72 -1.11
N ALA B 202 22.20 13.71 -0.28
CA ALA B 202 23.34 12.81 -0.53
C ALA B 202 23.11 12.09 -1.84
N GLU B 203 21.86 11.68 -2.10
CA GLU B 203 21.51 11.06 -3.38
C GLU B 203 21.74 12.06 -4.51
N THR B 204 21.16 13.24 -4.38
CA THR B 204 21.27 14.30 -5.38
C THR B 204 22.72 14.60 -5.76
N PHE B 205 23.57 14.82 -4.77
CA PHE B 205 24.98 15.13 -5.03
C PHE B 205 25.75 13.94 -5.61
N VAL B 206 25.37 12.72 -5.23
CA VAL B 206 25.95 11.53 -5.86
C VAL B 206 25.54 11.50 -7.33
N GLU B 207 24.25 11.71 -7.58
CA GLU B 207 23.73 11.74 -8.95
C GLU B 207 24.38 12.80 -9.84
N LEU B 208 24.71 13.95 -9.25
CA LEU B 208 25.44 15.02 -9.94
C LEU B 208 26.93 14.69 -10.04
N GLY B 209 27.27 13.47 -9.65
CA GLY B 209 28.62 12.94 -9.79
C GLY B 209 29.65 13.50 -8.83
N LYS B 210 29.22 13.94 -7.64
CA LYS B 210 30.17 14.48 -6.66
C LYS B 210 30.66 13.41 -5.67
N LYS B 211 31.80 13.68 -5.04
CA LYS B 211 32.28 12.88 -3.92
C LYS B 211 31.66 13.44 -2.63
N VAL B 212 30.73 12.67 -2.08
CA VAL B 212 29.90 13.09 -0.97
C VAL B 212 30.41 12.51 0.35
N ARG B 213 30.50 13.37 1.35
CA ARG B 213 30.74 12.98 2.73
C ARG B 213 29.56 13.45 3.58
N MET B 214 29.19 12.64 4.57
CA MET B 214 28.16 13.00 5.53
C MET B 214 28.72 12.95 6.93
N ILE B 215 28.47 13.99 7.71
CA ILE B 215 28.94 14.07 9.09
C ILE B 215 27.75 14.16 10.05
N GLU B 216 27.67 13.19 10.94
CA GLU B 216 26.55 13.01 11.85
C GLU B 216 27.05 12.99 13.29
N ARG B 217 26.44 13.85 14.11
CA ARG B 217 26.75 13.97 15.53
C ARG B 217 26.41 12.70 16.33
N ASN B 218 25.27 12.09 16.01
CA ASN B 218 24.80 10.89 16.71
C ASN B 218 25.54 9.64 16.26
N ASP B 219 25.13 8.47 16.76
CA ASP B 219 25.84 7.21 16.47
C ASP B 219 25.59 6.67 15.05
N HIS B 220 24.46 7.04 14.45
CA HIS B 220 24.14 6.59 13.09
C HIS B 220 23.23 7.56 12.33
N ILE B 221 23.28 7.50 11.01
CA ILE B 221 22.34 8.24 10.16
C ILE B 221 20.96 7.57 10.15
N GLY B 222 19.92 8.34 9.87
CA GLY B 222 18.55 7.86 9.98
C GLY B 222 18.24 7.51 11.43
N THR B 223 18.44 8.50 12.29
CA THR B 223 18.32 8.35 13.75
C THR B 223 16.92 7.96 14.20
N ILE B 224 15.91 8.26 13.37
CA ILE B 224 14.55 7.82 13.66
C ILE B 224 14.42 6.28 13.50
N TYR B 225 15.42 5.66 12.87
CA TYR B 225 15.44 4.21 12.72
C TYR B 225 16.13 3.53 13.89
N ASP B 226 15.69 2.33 14.22
CA ASP B 226 16.33 1.54 15.26
C ASP B 226 17.72 1.15 14.75
N GLY B 227 18.63 0.86 15.67
CA GLY B 227 20.02 0.52 15.34
C GLY B 227 20.11 -0.54 14.27
N ASP B 228 19.30 -1.60 14.42
CA ASP B 228 19.31 -2.74 13.50
C ASP B 228 18.81 -2.45 12.08
N MET B 229 17.88 -1.50 11.94
CA MET B 229 17.39 -1.09 10.63
C MET B 229 18.30 -0.04 9.99
N ALA B 230 18.94 0.76 10.84
CA ALA B 230 19.88 1.80 10.40
C ALA B 230 21.08 1.22 9.65
N GLU B 231 21.46 -0.01 10.01
CA GLU B 231 22.52 -0.75 9.33
C GLU B 231 22.33 -0.84 7.82
N TYR B 232 21.08 -1.00 7.39
CA TYR B 232 20.73 -1.07 5.97
C TYR B 232 21.00 0.24 5.23
N ILE B 233 20.80 1.36 5.94
CA ILE B 233 21.09 2.68 5.39
C ILE B 233 22.60 2.83 5.17
N TYR B 234 23.38 2.53 6.21
CA TYR B 234 24.83 2.60 6.16
C TYR B 234 25.43 1.73 5.03
N LYS B 235 24.86 0.54 4.81
CA LYS B 235 25.29 -0.33 3.72
C LYS B 235 25.07 0.30 2.34
N GLU B 236 23.89 0.90 2.14
CA GLU B 236 23.54 1.53 0.86
C GLU B 236 24.42 2.74 0.51
N ALA B 237 24.71 3.57 1.51
CA ALA B 237 25.55 4.73 1.32
C ALA B 237 26.98 4.30 1.01
N ASP B 238 27.46 3.31 1.78
CA ASP B 238 28.76 2.69 1.58
C ASP B 238 28.90 2.18 0.15
N LYS B 239 27.87 1.51 -0.32
CA LYS B 239 27.83 0.92 -1.66
C LYS B 239 28.00 1.97 -2.76
N HIS B 240 27.49 3.17 -2.53
CA HIS B 240 27.57 4.25 -3.51
C HIS B 240 28.71 5.23 -3.21
N HIS B 241 29.60 4.83 -2.30
CA HIS B 241 30.82 5.57 -1.97
C HIS B 241 30.57 6.89 -1.25
N ILE B 242 29.61 6.85 -0.31
CA ILE B 242 29.33 7.98 0.57
C ILE B 242 30.03 7.72 1.89
N GLU B 243 31.04 8.53 2.19
CA GLU B 243 31.72 8.49 3.48
C GLU B 243 30.74 8.94 4.56
N ILE B 244 30.51 8.08 5.54
CA ILE B 244 29.69 8.43 6.69
C ILE B 244 30.54 8.53 7.95
N LEU B 245 30.59 9.75 8.49
CA LEU B 245 31.33 10.02 9.72
C LEU B 245 30.34 10.22 10.86
N THR B 246 30.34 9.26 11.77
CA THR B 246 29.38 9.17 12.86
C THR B 246 30.09 9.61 14.14
N ASN B 247 29.32 10.05 15.14
CA ASN B 247 29.90 10.63 16.36
C ASN B 247 31.00 11.67 16.14
N GLU B 248 30.82 12.50 15.11
CA GLU B 248 31.79 13.53 14.77
C GLU B 248 31.14 14.91 14.80
N ASN B 249 31.81 15.84 15.46
CA ASN B 249 31.29 17.18 15.73
C ASN B 249 31.99 18.27 14.91
N VAL B 250 31.22 18.96 14.07
CA VAL B 250 31.74 20.09 13.29
C VAL B 250 32.12 21.25 14.21
N LYS B 251 33.32 21.78 14.06
CA LYS B 251 33.72 22.96 14.79
C LYS B 251 33.81 24.23 13.95
N ALA B 252 34.24 24.12 12.70
CA ALA B 252 34.39 25.30 11.83
C ALA B 252 34.37 24.98 10.34
N PHE B 253 33.87 25.93 9.56
CA PHE B 253 34.06 25.90 8.11
C PHE B 253 35.18 26.83 7.76
N LYS B 254 36.19 26.27 7.08
CA LYS B 254 37.40 27.00 6.74
C LYS B 254 37.47 27.38 5.26
N GLY B 255 38.07 28.53 4.99
CA GLY B 255 38.13 29.08 3.65
C GLY B 255 38.23 30.59 3.60
N ASN B 256 38.52 31.11 2.40
CA ASN B 256 38.71 32.53 2.17
C ASN B 256 37.40 33.26 1.86
N GLU B 257 37.10 33.38 0.57
CA GLU B 257 35.81 33.91 0.11
C GLU B 257 34.77 32.80 0.14
N ARG B 258 35.21 31.59 -0.20
CA ARG B 258 34.39 30.39 -0.32
C ARG B 258 34.76 29.38 0.77
N VAL B 259 33.91 28.37 1.00
CA VAL B 259 34.36 27.17 1.72
C VAL B 259 35.35 26.39 0.89
N GLU B 260 36.35 25.82 1.57
CA GLU B 260 37.28 24.90 0.95
C GLU B 260 37.56 23.68 1.84
N ALA B 261 37.14 23.75 3.11
CA ALA B 261 37.34 22.66 4.05
C ALA B 261 36.34 22.71 5.21
N VAL B 262 36.04 21.53 5.75
CA VAL B 262 35.21 21.43 6.96
C VAL B 262 36.07 20.88 8.10
N GLU B 263 36.15 21.64 9.20
CA GLU B 263 36.89 21.22 10.38
C GLU B 263 35.96 20.57 11.41
N THR B 264 36.38 19.42 11.94
CA THR B 264 35.64 18.71 13.00
C THR B 264 36.57 18.43 14.18
N ASP B 265 36.05 17.76 15.19
CA ASP B 265 36.88 17.27 16.32
C ASP B 265 37.82 16.11 15.92
N LYS B 266 37.57 15.50 14.75
CA LYS B 266 38.35 14.36 14.31
C LYS B 266 39.13 14.61 13.02
N GLY B 267 38.96 15.79 12.42
CA GLY B 267 39.75 16.11 11.23
C GLY B 267 39.29 17.29 10.39
N THR B 268 40.02 17.55 9.30
CA THR B 268 39.73 18.64 8.38
C THR B 268 39.68 18.09 6.97
N TYR B 269 38.55 18.32 6.29
CA TYR B 269 38.29 17.70 4.99
C TYR B 269 37.95 18.73 3.93
N LYS B 270 38.58 18.61 2.76
CA LYS B 270 38.29 19.46 1.60
C LYS B 270 36.80 19.43 1.25
N ALA B 271 36.22 20.62 1.07
CA ALA B 271 34.81 20.72 0.65
C ALA B 271 34.60 21.95 -0.23
N ASP B 272 33.92 21.76 -1.34
CA ASP B 272 33.67 22.83 -2.31
C ASP B 272 32.25 23.38 -2.12
N LEU B 273 31.44 22.61 -1.39
CA LEU B 273 30.03 22.92 -1.14
C LEU B 273 29.64 22.18 0.13
N VAL B 274 29.05 22.90 1.08
CA VAL B 274 28.65 22.33 2.35
C VAL B 274 27.15 22.53 2.53
N LEU B 275 26.41 21.43 2.64
CA LEU B 275 25.01 21.50 2.96
C LEU B 275 24.78 21.23 4.45
N VAL B 276 24.20 22.21 5.14
CA VAL B 276 23.88 22.06 6.55
C VAL B 276 22.43 21.66 6.64
N SER B 277 22.21 20.46 7.17
CA SER B 277 20.88 19.89 7.28
C SER B 277 20.75 19.24 8.65
N VAL B 278 20.79 20.07 9.69
CA VAL B 278 20.81 19.56 11.07
C VAL B 278 19.52 19.79 11.84
N GLY B 279 18.40 19.90 11.12
CA GLY B 279 17.11 20.11 11.77
C GLY B 279 16.56 21.51 11.59
N VAL B 280 15.44 21.77 12.27
CA VAL B 280 14.64 22.95 12.01
C VAL B 280 14.12 23.55 13.30
N LYS B 281 13.57 24.75 13.23
CA LYS B 281 13.07 25.49 14.39
C LYS B 281 11.79 26.19 13.97
N PRO B 282 10.72 26.10 14.81
CA PRO B 282 9.48 26.82 14.49
C PRO B 282 9.68 28.32 14.33
N ASN B 283 9.02 28.89 13.32
CA ASN B 283 9.06 30.31 13.07
C ASN B 283 8.06 31.04 13.95
N THR B 284 8.32 31.03 15.26
CA THR B 284 7.36 31.55 16.26
C THR B 284 7.97 32.60 17.18
N ASP B 285 9.20 32.97 16.87
CA ASP B 285 10.00 34.04 17.48
CA ASP B 285 9.88 33.97 17.69
C ASP B 285 9.20 35.32 17.73
N PHE B 286 8.47 35.72 16.69
CA PHE B 286 7.77 37.00 16.67
C PHE B 286 6.59 37.09 17.64
N LEU B 287 6.24 35.96 18.26
CA LEU B 287 5.09 35.87 19.15
C LEU B 287 5.44 36.14 20.61
N GLU B 288 6.73 36.13 20.93
CA GLU B 288 7.15 36.42 22.29
C GLU B 288 6.44 37.70 22.76
N GLY B 289 5.71 37.59 23.86
CA GLY B 289 4.93 38.70 24.41
C GLY B 289 3.42 38.59 24.24
N THR B 290 2.93 37.49 23.64
CA THR B 290 1.49 37.34 23.35
C THR B 290 0.66 36.40 24.26
N ASN B 291 1.34 35.65 25.15
CA ASN B 291 0.70 34.64 26.00
CA ASN B 291 0.68 34.64 25.99
C ASN B 291 0.35 33.34 25.24
N ILE B 292 0.66 33.28 23.95
CA ILE B 292 0.42 32.07 23.16
C ILE B 292 1.39 30.97 23.59
N ARG B 293 0.85 29.91 24.18
CA ARG B 293 1.65 28.80 24.67
C ARG B 293 2.35 28.02 23.56
N THR B 294 3.62 27.73 23.81
CA THR B 294 4.46 26.90 22.94
C THR B 294 5.13 25.82 23.80
N ASN B 295 5.51 24.73 23.16
CA ASN B 295 6.26 23.68 23.83
C ASN B 295 7.73 24.09 23.91
N HIS B 296 8.59 23.19 24.37
CA HIS B 296 9.99 23.53 24.59
C HIS B 296 10.77 23.93 23.31
N LYS B 297 10.45 23.32 22.18
CA LYS B 297 11.09 23.73 20.91
C LYS B 297 10.46 24.95 20.20
N GLY B 298 9.48 25.59 20.85
CA GLY B 298 8.83 26.77 20.27
C GLY B 298 7.62 26.51 19.39
N ALA B 299 7.22 25.26 19.24
CA ALA B 299 5.99 24.92 18.49
C ALA B 299 4.73 25.36 19.25
N ILE B 300 3.82 26.02 18.54
CA ILE B 300 2.57 26.49 19.15
C ILE B 300 1.62 25.33 19.53
N GLU B 301 1.27 25.23 20.81
CA GLU B 301 0.31 24.23 21.28
C GLU B 301 -1.08 24.50 20.71
N VAL B 302 -1.68 23.47 20.11
CA VAL B 302 -3.06 23.56 19.65
C VAL B 302 -3.91 22.44 20.23
N ASN B 303 -5.17 22.74 20.51
CA ASN B 303 -6.14 21.72 20.91
C ASN B 303 -6.70 20.97 19.69
N ALA B 304 -7.70 20.14 19.94
CA ALA B 304 -8.29 19.27 18.90
C ALA B 304 -8.70 20.07 17.67
N TYR B 305 -9.02 21.34 17.90
CA TYR B 305 -9.65 22.24 16.90
C TYR B 305 -8.71 23.29 16.34
N MET B 306 -7.40 23.06 16.51
CA MET B 306 -6.33 23.95 16.00
C MET B 306 -6.32 25.30 16.70
N GLN B 307 -6.98 25.36 17.85
CA GLN B 307 -7.05 26.56 18.67
C GLN B 307 -5.88 26.61 19.65
N THR B 308 -5.28 27.79 19.76
CA THR B 308 -4.27 28.07 20.79
C THR B 308 -5.01 28.34 22.11
N ASN B 309 -4.28 28.71 23.16
CA ASN B 309 -4.89 29.08 24.44
C ASN B 309 -5.46 30.49 24.42
N VAL B 310 -5.11 31.25 23.38
CA VAL B 310 -5.57 32.62 23.21
C VAL B 310 -6.77 32.64 22.26
N GLN B 311 -7.87 33.26 22.71
CA GLN B 311 -9.11 33.34 21.95
C GLN B 311 -8.95 33.86 20.51
N ASP B 312 -9.56 33.13 19.57
CA ASP B 312 -9.62 33.50 18.14
C ASP B 312 -8.25 33.43 17.44
N VAL B 313 -7.26 32.87 18.13
CA VAL B 313 -5.96 32.58 17.51
C VAL B 313 -5.77 31.06 17.35
N TYR B 314 -5.41 30.66 16.13
CA TYR B 314 -5.28 29.28 15.71
C TYR B 314 -3.87 29.04 15.20
N ALA B 315 -3.40 27.80 15.17
CA ALA B 315 -2.14 27.49 14.53
C ALA B 315 -2.24 26.16 13.80
N ALA B 316 -1.41 25.98 12.78
CA ALA B 316 -1.42 24.78 11.97
C ALA B 316 -0.09 24.61 11.25
N GLY B 317 0.27 23.35 10.99
CA GLY B 317 1.46 23.04 10.19
C GLY B 317 2.70 22.86 11.03
N ASP B 318 3.86 23.10 10.43
CA ASP B 318 5.15 22.87 11.10
C ASP B 318 5.39 23.76 12.32
N CYS B 319 4.70 24.91 12.39
CA CYS B 319 4.85 25.81 13.55
C CYS B 319 4.04 25.37 14.78
N ALA B 320 3.18 24.37 14.61
CA ALA B 320 2.24 23.89 15.65
C ALA B 320 2.62 22.52 16.22
N THR B 321 1.99 22.15 17.34
CA THR B 321 2.20 20.81 17.88
C THR B 321 1.27 19.81 17.19
N HIS B 322 1.63 18.53 17.32
CA HIS B 322 0.97 17.49 16.55
C HIS B 322 0.59 16.37 17.52
N TYR B 323 -0.69 16.33 17.90
CA TYR B 323 -1.16 15.26 18.77
C TYR B 323 -0.77 13.95 18.12
N HIS B 324 -0.19 13.04 18.91
CA HIS B 324 0.28 11.78 18.38
C HIS B 324 -0.73 10.70 18.76
N VAL B 325 -1.24 9.98 17.76
CA VAL B 325 -2.25 8.93 17.97
C VAL B 325 -1.78 7.85 18.95
N ILE B 326 -0.49 7.47 18.84
CA ILE B 326 0.06 6.37 19.64
C ILE B 326 0.66 6.84 20.97
N LYS B 327 1.41 7.94 20.95
CA LYS B 327 2.00 8.51 22.17
C LYS B 327 0.95 9.13 23.09
N GLU B 328 -0.10 9.67 22.48
CA GLU B 328 -1.23 10.30 23.20
C GLU B 328 -0.85 11.59 23.93
N ILE B 329 0.20 12.23 23.44
CA ILE B 329 0.59 13.57 23.87
C ILE B 329 0.86 14.36 22.59
N HIS B 330 1.02 15.67 22.75
CA HIS B 330 1.33 16.55 21.61
C HIS B 330 2.81 16.55 21.28
N ASP B 331 3.13 16.03 20.11
CA ASP B 331 4.48 15.86 19.62
C ASP B 331 4.82 17.00 18.63
N HIS B 332 5.95 16.91 17.96
CA HIS B 332 6.26 17.83 16.88
C HIS B 332 7.00 17.06 15.80
N ILE B 333 6.22 16.63 14.80
CA ILE B 333 6.74 15.90 13.66
C ILE B 333 6.36 16.73 12.42
N PRO B 334 7.19 17.76 12.11
CA PRO B 334 6.86 18.65 11.02
C PRO B 334 6.93 17.89 9.70
N ILE B 335 5.82 17.82 8.97
CA ILE B 335 5.77 17.16 7.67
C ILE B 335 4.62 17.75 6.83
N GLY B 336 4.75 17.69 5.51
CA GLY B 336 3.78 18.30 4.59
C GLY B 336 2.37 17.72 4.65
N THR B 337 2.25 16.40 4.79
CA THR B 337 0.94 15.75 4.88
C THR B 337 0.17 16.30 6.09
N THR B 338 0.80 16.26 7.25
CA THR B 338 0.24 16.82 8.49
C THR B 338 -0.12 18.31 8.37
N ALA B 339 0.73 19.10 7.71
CA ALA B 339 0.52 20.53 7.52
C ALA B 339 -0.73 20.84 6.72
N ASN B 340 -0.95 20.08 5.65
CA ASN B 340 -2.16 20.27 4.86
C ASN B 340 -3.41 19.86 5.64
N LYS B 341 -3.34 18.72 6.31
CA LYS B 341 -4.42 18.25 7.19
C LYS B 341 -4.76 19.28 8.27
N GLN B 342 -3.75 19.69 9.05
CA GLN B 342 -3.99 20.71 10.08
C GLN B 342 -4.47 22.04 9.50
N GLY B 343 -3.93 22.43 8.35
CA GLY B 343 -4.31 23.68 7.70
C GLY B 343 -5.76 23.68 7.26
N ARG B 344 -6.16 22.60 6.60
CA ARG B 344 -7.55 22.42 6.19
C ARG B 344 -8.50 22.50 7.40
N LEU B 345 -8.17 21.74 8.44
CA LEU B 345 -8.93 21.72 9.70
C LEU B 345 -9.01 23.06 10.41
N ALA B 346 -7.90 23.79 10.44
CA ALA B 346 -7.88 25.11 11.07
C ALA B 346 -8.87 26.02 10.36
N GLY B 347 -8.83 25.98 9.02
CA GLY B 347 -9.77 26.76 8.22
C GLY B 347 -11.21 26.44 8.59
N LEU B 348 -11.54 25.15 8.62
CA LEU B 348 -12.90 24.71 8.94
C LEU B 348 -13.33 25.14 10.34
N ASN B 349 -12.43 24.95 11.31
CA ASN B 349 -12.69 25.32 12.68
C ASN B 349 -12.82 26.82 12.91
N MET B 350 -12.07 27.60 12.12
CA MET B 350 -12.22 29.05 12.08
C MET B 350 -13.59 29.50 11.56
N LEU B 351 -14.22 28.67 10.74
CA LEU B 351 -15.60 28.88 10.26
C LEU B 351 -16.66 28.37 11.23
N ASP B 352 -16.20 27.78 12.33
CA ASP B 352 -17.05 27.08 13.30
C ASP B 352 -17.72 25.82 12.71
N LYS B 353 -17.04 25.21 11.75
CA LYS B 353 -17.41 23.88 11.27
C LYS B 353 -16.53 22.95 12.08
N ARG B 354 -17.00 22.64 13.29
CA ARG B 354 -16.20 21.96 14.32
C ARG B 354 -15.77 20.57 13.86
N ARG B 355 -14.45 20.38 13.73
CA ARG B 355 -13.89 19.08 13.36
C ARG B 355 -12.54 18.88 14.02
N ALA B 356 -12.41 17.78 14.76
CA ALA B 356 -11.17 17.46 15.49
C ALA B 356 -10.12 16.82 14.60
N PHE B 357 -8.87 17.20 14.86
CA PHE B 357 -7.67 16.58 14.27
C PHE B 357 -7.39 15.27 14.99
N LYS B 358 -7.32 14.18 14.23
CA LYS B 358 -7.18 12.84 14.82
C LYS B 358 -5.76 12.52 15.25
N GLY B 359 -4.79 13.25 14.68
CA GLY B 359 -3.40 13.11 15.08
C GLY B 359 -2.43 12.67 14.01
N THR B 360 -1.15 12.80 14.34
CA THR B 360 -0.10 12.25 13.53
C THR B 360 0.19 10.81 13.99
N LEU B 361 0.81 10.02 13.11
CA LEU B 361 1.35 8.71 13.50
C LEU B 361 2.86 8.71 13.46
N GLY B 362 3.45 9.83 13.03
CA GLY B 362 4.88 9.90 12.86
C GLY B 362 5.36 9.23 11.59
N THR B 363 4.47 9.01 10.63
CA THR B 363 4.84 8.41 9.36
C THR B 363 5.90 9.26 8.65
N GLY B 364 6.83 8.62 7.96
CA GLY B 364 7.79 9.30 7.09
C GLY B 364 8.36 8.33 6.06
N ILE B 365 8.65 8.84 4.87
CA ILE B 365 9.21 8.01 3.82
C ILE B 365 10.28 8.77 3.01
N ILE B 366 11.40 8.11 2.76
CA ILE B 366 12.54 8.69 2.07
C ILE B 366 13.03 7.74 0.98
N LYS B 367 13.26 8.30 -0.22
CA LYS B 367 14.04 7.61 -1.23
C LYS B 367 15.52 7.86 -0.96
N PHE B 368 16.29 6.79 -0.82
CA PHE B 368 17.72 6.93 -0.64
C PHE B 368 18.52 6.00 -1.57
N MET B 369 19.00 6.57 -2.67
CA MET B 369 19.67 5.80 -3.72
C MET B 369 18.74 4.66 -4.17
N ASN B 370 19.17 3.42 -3.98
CA ASN B 370 18.37 2.27 -4.38
C ASN B 370 17.35 1.82 -3.34
N LEU B 371 17.39 2.42 -2.15
CA LEU B 371 16.50 2.01 -1.08
C LEU B 371 15.33 2.96 -0.87
N THR B 372 14.25 2.43 -0.33
CA THR B 372 13.14 3.21 0.16
C THR B 372 13.12 2.99 1.66
N LEU B 373 13.06 4.09 2.41
CA LEU B 373 13.12 4.03 3.86
C LEU B 373 11.83 4.55 4.48
N ALA B 374 11.06 3.64 5.09
CA ALA B 374 9.76 4.03 5.63
C ALA B 374 9.60 3.68 7.12
N ARG B 375 8.96 4.58 7.87
CA ARG B 375 8.68 4.35 9.28
C ARG B 375 7.34 4.99 9.68
N THR B 376 6.76 4.52 10.78
CA THR B 376 5.51 5.05 11.28
C THR B 376 5.30 4.55 12.71
N GLY B 377 4.53 5.30 13.50
CA GLY B 377 4.32 4.97 14.91
C GLY B 377 5.60 5.08 15.72
N LEU B 378 5.75 4.17 16.68
CA LEU B 378 6.89 4.22 17.61
C LEU B 378 8.07 3.39 17.16
N ASN B 379 9.28 3.95 17.23
CA ASN B 379 10.49 3.14 17.22
C ASN B 379 10.83 2.76 18.67
N GLU B 380 11.93 2.06 18.86
CA GLU B 380 12.25 1.51 20.17
C GLU B 380 12.59 2.58 21.20
N LYS B 381 13.27 3.64 20.77
CA LYS B 381 13.59 4.73 21.70
C LYS B 381 12.34 5.48 22.17
N GLU B 382 11.39 5.69 21.27
CA GLU B 382 10.11 6.32 21.64
C GLU B 382 9.32 5.45 22.61
N ALA B 383 9.17 4.17 22.29
CA ALA B 383 8.51 3.23 23.21
C ALA B 383 9.18 3.20 24.60
N LYS B 384 10.51 3.07 24.62
CA LYS B 384 11.28 3.12 25.88
C LYS B 384 11.06 4.42 26.64
N GLY B 385 11.19 5.55 25.94
CA GLY B 385 11.03 6.87 26.56
C GLY B 385 9.68 7.01 27.24
N LEU B 386 8.66 6.39 26.65
CA LEU B 386 7.29 6.46 27.15
C LEU B 386 6.98 5.42 28.23
N HIS B 387 7.92 4.51 28.47
CA HIS B 387 7.72 3.35 29.37
C HIS B 387 6.48 2.51 29.03
N ILE B 388 6.27 2.31 27.74
CA ILE B 388 5.28 1.41 27.20
C ILE B 388 5.92 0.03 26.94
N PRO B 389 5.43 -1.02 27.62
CA PRO B 389 6.03 -2.35 27.45
C PRO B 389 5.75 -2.88 26.05
N TYR B 390 6.82 -3.22 25.33
CA TYR B 390 6.69 -3.61 23.93
C TYR B 390 7.57 -4.80 23.62
N LYS B 391 7.28 -5.44 22.50
CA LYS B 391 8.13 -6.45 21.90
C LYS B 391 8.29 -6.15 20.41
N THR B 392 9.22 -6.82 19.75
CA THR B 392 9.47 -6.60 18.34
C THR B 392 9.44 -7.90 17.55
N VAL B 393 9.14 -7.78 16.27
CA VAL B 393 9.32 -8.87 15.31
C VAL B 393 10.01 -8.30 14.09
N LYS B 394 11.04 -9.00 13.63
CA LYS B 394 11.74 -8.62 12.41
C LYS B 394 11.77 -9.76 11.40
N VAL B 395 11.32 -9.46 10.19
CA VAL B 395 11.28 -10.43 9.11
C VAL B 395 12.17 -9.94 7.96
N ASP B 396 13.07 -10.80 7.52
CA ASP B 396 13.76 -10.62 6.25
C ASP B 396 12.99 -11.48 5.24
N SER B 397 12.31 -10.84 4.30
CA SER B 397 11.59 -11.57 3.26
C SER B 397 11.66 -10.83 1.92
N THR B 398 10.64 -11.05 1.08
CA THR B 398 10.59 -10.43 -0.23
C THR B 398 9.38 -9.52 -0.37
N ASN B 399 9.46 -8.58 -1.32
CA ASN B 399 8.33 -7.73 -1.67
C ASN B 399 7.19 -8.48 -2.38
N MET B 400 7.54 -9.60 -3.03
CA MET B 400 6.57 -10.38 -3.78
C MET B 400 6.97 -11.87 -3.83
N ALA B 401 6.11 -12.68 -4.44
CA ALA B 401 6.31 -14.12 -4.51
C ALA B 401 7.79 -14.45 -4.77
N GLY B 402 8.38 -15.23 -3.87
CA GLY B 402 9.81 -15.57 -3.93
C GLY B 402 10.24 -16.19 -5.25
N TYR B 403 9.33 -16.90 -5.90
CA TYR B 403 9.64 -17.57 -7.18
C TYR B 403 9.58 -16.61 -8.38
N TYR B 404 8.94 -15.45 -8.20
CA TYR B 404 8.75 -14.50 -9.30
C TYR B 404 10.07 -13.72 -9.63
N PRO B 405 10.33 -13.44 -10.94
CA PRO B 405 11.55 -12.73 -11.36
C PRO B 405 11.65 -11.28 -10.87
N ASN B 406 12.80 -10.94 -10.30
CA ASN B 406 13.05 -9.61 -9.70
C ASN B 406 12.25 -9.34 -8.42
N ALA B 407 11.79 -10.40 -7.76
CA ALA B 407 11.41 -10.31 -6.36
C ALA B 407 12.65 -9.78 -5.61
N LYS B 408 12.46 -8.78 -4.76
CA LYS B 408 13.59 -8.12 -4.09
C LYS B 408 13.46 -8.24 -2.58
N PRO B 409 14.60 -8.20 -1.86
CA PRO B 409 14.54 -8.30 -0.40
C PRO B 409 13.63 -7.22 0.23
N LEU B 410 12.89 -7.59 1.27
CA LEU B 410 12.16 -6.61 2.06
C LEU B 410 12.40 -6.82 3.55
N TYR B 411 12.84 -5.76 4.21
CA TYR B 411 13.17 -5.81 5.62
C TYR B 411 12.08 -5.07 6.39
N LEU B 412 11.41 -5.79 7.29
CA LEU B 412 10.22 -5.28 7.94
C LEU B 412 10.31 -5.55 9.44
N LYS B 413 10.07 -4.52 10.23
CA LYS B 413 10.11 -4.64 11.69
C LYS B 413 8.87 -4.01 12.28
N LEU B 414 8.29 -4.68 13.28
CA LEU B 414 7.09 -4.18 13.94
C LEU B 414 7.28 -4.15 15.44
N LEU B 415 6.68 -3.15 16.08
CA LEU B 415 6.61 -3.08 17.53
C LEU B 415 5.17 -3.22 17.97
N TYR B 416 4.96 -3.93 19.06
CA TYR B 416 3.62 -4.13 19.59
C TYR B 416 3.68 -4.22 21.10
N ARG B 417 2.60 -3.85 21.76
CA ARG B 417 2.51 -3.94 23.21
C ARG B 417 2.63 -5.37 23.68
N SER B 418 3.41 -5.60 24.73
CA SER B 418 3.55 -6.93 25.32
C SER B 418 2.24 -7.43 25.90
N ASP B 419 1.44 -6.53 26.47
CA ASP B 419 0.24 -6.96 27.16
C ASP B 419 -0.96 -7.13 26.25
N THR B 420 -1.43 -6.03 25.65
CA THR B 420 -2.60 -6.04 24.75
C THR B 420 -2.30 -6.47 23.31
N LYS B 421 -1.03 -6.42 22.90
CA LYS B 421 -0.59 -6.70 21.52
C LYS B 421 -0.95 -5.62 20.51
N GLN B 422 -1.42 -4.47 21.00
CA GLN B 422 -1.73 -3.35 20.13
C GLN B 422 -0.49 -3.02 19.32
N LEU B 423 -0.66 -2.89 18.00
CA LEU B 423 0.44 -2.49 17.14
C LEU B 423 0.88 -1.08 17.50
N LEU B 424 2.20 -0.87 17.56
CA LEU B 424 2.78 0.39 18.03
C LEU B 424 3.57 1.17 16.99
N GLY B 425 4.20 0.45 16.05
CA GLY B 425 5.03 1.06 15.03
C GLY B 425 5.58 0.03 14.06
N GLY B 426 6.15 0.53 12.95
CA GLY B 426 6.75 -0.31 11.93
C GLY B 426 7.90 0.43 11.28
N GLN B 427 8.86 -0.33 10.77
CA GLN B 427 9.93 0.20 9.94
C GLN B 427 10.09 -0.76 8.78
N VAL B 428 10.06 -0.23 7.57
CA VAL B 428 10.17 -1.03 6.36
C VAL B 428 11.29 -0.45 5.51
N ILE B 429 12.20 -1.31 5.05
CA ILE B 429 13.32 -0.90 4.22
C ILE B 429 13.53 -1.92 3.11
N GLY B 430 13.67 -1.43 1.88
CA GLY B 430 13.90 -2.29 0.72
C GLY B 430 13.83 -1.47 -0.55
N GLU B 431 14.02 -2.14 -1.69
CA GLU B 431 14.06 -1.48 -2.99
C GLU B 431 12.67 -1.18 -3.57
N GLU B 432 11.67 -1.98 -3.19
CA GLU B 432 10.35 -1.90 -3.80
C GLU B 432 9.28 -2.39 -2.84
N GLY B 433 8.07 -1.83 -2.95
CA GLY B 433 6.92 -2.27 -2.14
C GLY B 433 6.97 -1.83 -0.68
N VAL B 434 7.85 -0.89 -0.39
CA VAL B 434 8.04 -0.35 0.95
C VAL B 434 6.94 0.65 1.33
N ASP B 435 6.56 1.52 0.38
CA ASP B 435 5.49 2.51 0.62
C ASP B 435 4.14 1.84 0.85
N LYS B 436 3.88 0.76 0.12
CA LYS B 436 2.67 -0.05 0.31
C LYS B 436 2.55 -0.54 1.76
N ARG B 437 3.63 -1.13 2.27
CA ARG B 437 3.64 -1.79 3.58
C ARG B 437 3.54 -0.77 4.73
N ILE B 438 4.18 0.39 4.57
CA ILE B 438 4.11 1.39 5.61
C ILE B 438 2.72 2.01 5.65
N ASP B 439 2.06 2.12 4.49
CA ASP B 439 0.71 2.66 4.45
C ASP B 439 -0.29 1.71 5.12
N VAL B 440 -0.13 0.42 4.89
CA VAL B 440 -0.96 -0.59 5.56
C VAL B 440 -0.70 -0.56 7.08
N ILE B 441 0.55 -0.42 7.46
CA ILE B 441 0.90 -0.36 8.88
C ILE B 441 0.30 0.90 9.51
N ALA B 442 0.38 2.02 8.78
CA ALA B 442 -0.24 3.27 9.23
C ALA B 442 -1.75 3.07 9.40
N MET B 443 -2.39 2.41 8.46
CA MET B 443 -3.82 2.14 8.56
C MET B 443 -4.14 1.33 9.82
N ALA B 444 -3.29 0.36 10.14
CA ALA B 444 -3.48 -0.48 11.32
C ALA B 444 -3.31 0.31 12.61
N LEU B 445 -2.28 1.15 12.67
CA LEU B 445 -2.05 1.99 13.83
C LEU B 445 -3.20 3.00 14.02
N PHE B 446 -3.70 3.59 12.94
CA PHE B 446 -4.80 4.55 13.03
C PHE B 446 -6.02 3.90 13.67
N ASN B 447 -6.28 2.65 13.29
CA ASN B 447 -7.42 1.90 13.80
C ASN B 447 -7.13 1.13 15.09
N LYS B 448 -5.95 1.35 15.66
CA LYS B 448 -5.56 0.71 16.93
C LYS B 448 -5.73 -0.81 16.90
N MET B 449 -5.32 -1.41 15.79
CA MET B 449 -5.47 -2.84 15.61
C MET B 449 -4.45 -3.56 16.46
N SER B 450 -4.82 -4.72 16.99
CA SER B 450 -3.86 -5.66 17.54
C SER B 450 -3.01 -6.22 16.41
N ILE B 451 -1.76 -6.55 16.72
CA ILE B 451 -0.84 -7.11 15.70
C ILE B 451 -1.39 -8.37 15.01
N HIS B 452 -2.06 -9.22 15.77
CA HIS B 452 -2.60 -10.46 15.19
C HIS B 452 -3.84 -10.27 14.29
N ASP B 453 -4.56 -9.17 14.46
CA ASP B 453 -5.68 -8.82 13.57
C ASP B 453 -5.23 -8.63 12.10
N LEU B 454 -3.97 -8.22 11.91
CA LEU B 454 -3.36 -8.12 10.56
C LEU B 454 -3.44 -9.44 9.78
N GLU B 455 -3.36 -10.56 10.50
CA GLU B 455 -3.48 -11.89 9.91
C GLU B 455 -4.80 -12.09 9.17
N ASP B 456 -5.81 -11.32 9.57
CA ASP B 456 -7.20 -11.52 9.15
C ASP B 456 -7.64 -10.61 8.00
N VAL B 457 -6.86 -9.58 7.71
CA VAL B 457 -7.20 -8.66 6.64
C VAL B 457 -7.01 -9.27 5.26
N ASP B 458 -8.03 -9.17 4.42
CA ASP B 458 -7.98 -9.62 3.02
C ASP B 458 -7.19 -8.62 2.17
N LEU B 459 -5.87 -8.56 2.39
CA LEU B 459 -4.94 -7.80 1.55
C LEU B 459 -4.82 -8.48 0.19
N SER B 460 -4.43 -7.71 -0.83
CA SER B 460 -4.37 -8.24 -2.19
C SER B 460 -3.14 -9.11 -2.39
N TYR B 461 -3.28 -10.11 -3.25
CA TYR B 461 -2.16 -10.90 -3.73
C TYR B 461 -2.32 -11.33 -5.18
N ALA B 462 -1.35 -10.92 -5.98
CA ALA B 462 -0.96 -11.72 -7.15
C ALA B 462 0.56 -11.71 -7.20
N PRO B 463 1.17 -12.70 -7.88
CA PRO B 463 2.64 -12.84 -7.87
C PRO B 463 3.49 -11.57 -8.12
N PRO B 464 3.12 -10.72 -9.10
CA PRO B 464 3.91 -9.50 -9.30
C PRO B 464 3.83 -8.44 -8.20
N TYR B 465 3.02 -8.66 -7.16
CA TYR B 465 2.77 -7.60 -6.16
C TYR B 465 3.00 -8.00 -4.71
N ASN B 466 2.78 -9.26 -4.40
CA ASN B 466 2.87 -9.72 -3.01
C ASN B 466 3.16 -11.19 -2.96
N SER B 467 3.24 -11.73 -1.75
CA SER B 467 3.22 -13.17 -1.52
C SER B 467 1.84 -13.50 -0.96
N VAL B 468 1.48 -14.77 -1.05
CA VAL B 468 0.13 -15.17 -0.64
C VAL B 468 -0.17 -14.79 0.82
N TRP B 469 0.87 -14.70 1.66
CA TRP B 469 0.82 -13.97 2.91
C TRP B 469 1.74 -12.75 2.77
N ASP B 470 1.21 -11.56 3.05
CA ASP B 470 2.00 -10.32 3.01
C ASP B 470 3.05 -10.35 4.14
N PRO B 471 4.25 -9.79 3.90
CA PRO B 471 5.30 -9.73 4.94
C PRO B 471 4.82 -9.23 6.31
N ILE B 472 3.87 -8.30 6.30
CA ILE B 472 3.33 -7.77 7.57
C ILE B 472 2.59 -8.87 8.32
N GLN B 473 1.87 -9.70 7.56
CA GLN B 473 1.10 -10.79 8.13
C GLN B 473 2.00 -11.90 8.65
N GLN B 474 3.08 -12.19 7.93
CA GLN B 474 4.07 -13.15 8.40
C GLN B 474 4.75 -12.65 9.68
N ALA B 475 5.09 -11.37 9.74
CA ALA B 475 5.63 -10.79 10.97
C ALA B 475 4.63 -10.92 12.12
N ALA B 476 3.37 -10.60 11.84
CA ALA B 476 2.32 -10.69 12.85
C ALA B 476 2.24 -12.08 13.45
N ARG B 477 2.34 -13.11 12.61
CA ARG B 477 2.34 -14.50 13.06
C ARG B 477 3.52 -14.81 13.99
N ARG B 478 4.69 -14.22 13.72
CA ARG B 478 5.87 -14.46 14.57
C ARG B 478 5.68 -13.88 15.97
N ALA B 479 4.80 -12.87 16.08
CA ALA B 479 4.55 -12.19 17.35
C ALA B 479 3.92 -13.10 18.38
N GLU B 480 4.21 -12.82 19.65
CA GLU B 480 3.68 -13.54 20.81
C GLU B 480 2.23 -13.17 21.14
#